data_3D6N
#
_entry.id   3D6N
#
_cell.length_a   158.439
_cell.length_b   158.439
_cell.length_c   233.553
_cell.angle_alpha   90.00
_cell.angle_beta   90.00
_cell.angle_gamma   120.00
#
_symmetry.space_group_name_H-M   'H 3 2'
#
loop_
_entity.id
_entity.type
_entity.pdbx_description
1 polymer Dihydroorotase
2 polymer 'Aspartate carbamoyltransferase'
3 non-polymer 'ZINC ION'
4 non-polymer 'CITRATE ANION'
5 water water
#
loop_
_entity_poly.entity_id
_entity_poly.type
_entity_poly.pdbx_seq_one_letter_code
_entity_poly.pdbx_strand_id
1 'polypeptide(L)'
;MLKLIVKNGYVIDPSQNLEGEFDILVENGKIKKIDKNILVPEAEIIDAKGLIVCPGFIDIHVHLRDPGQTYKEDIESGSR
CAVAGGFTTIVCMPNTNPPIDNTTVVNYILQKSKSVGLCRVLPTGTITKGRKGKEIADFYSLKEAGCVAFTDDGSPVMDS
SVMRKALELASQLGVPIMDHCEDDKLAYGVINEGEVSALLGLSSRAPEAEEIQIARDGILAQRTGGHVHIQHVSTKLSLE
IIEFFKEKGVKITCEVNPNHLLFTEREVLNSGANARVNPPLRKKEDRLALIEGVKRGIIDCFATDHAPHQTFEKELVEFA
MPGIIGLQTALPSALELYRKGIISLKKLIEMFTINPARIIGVDLGTLKLGSPADITIFDPNKEWILNEETNLSKSRNTPL
WGKVLKGKVIYTIKDGKMVYKD
;
A
2 'polypeptide(L)'
;MRSLISSLDLTREEVEEILKYAKEFKEGKEETIKASAVLFFSEPSTRTRLSFEKAARELGIETYLVSGSESSTVKGESFF
DTLKTFEGLGFDYVVFRVPFVFFPYKEIVKSLNLRLVNAGDGTHQHPSQGLIDFFTIKEHFGEVKDLRVLYVGDIKHSRV
FRSGAPLLNMFGAKIGVCGPKTLIPRDVEVFKVDVFDDVDKGIDWADVVIWLRLQKERQKENYIPSESSYFKQFGLTKER
FEKVKLYMHPGPVNRNVDIDHELVYTEKSLIQEQVKNGIPVRKAIYKFLWT
;
B
#
loop_
_chem_comp.id
_chem_comp.type
_chem_comp.name
_chem_comp.formula
FLC non-polymer 'CITRATE ANION' 'C6 H5 O7 -3'
ZN non-polymer 'ZINC ION' 'Zn 2'
#
# COMPACT_ATOMS: atom_id res chain seq x y z
N MET A 1 9.77 -40.24 -24.27
CA MET A 1 10.08 -39.80 -25.67
C MET A 1 11.51 -39.23 -25.80
N LEU A 2 12.24 -39.65 -26.84
CA LEU A 2 13.50 -39.03 -27.25
C LEU A 2 13.18 -37.65 -27.87
N LYS A 3 12.09 -37.61 -28.64
CA LYS A 3 11.71 -36.49 -29.51
C LYS A 3 10.30 -35.93 -29.18
N LEU A 4 10.19 -34.59 -29.09
CA LEU A 4 8.90 -33.90 -28.97
C LEU A 4 8.63 -32.89 -30.12
N ILE A 5 7.37 -32.79 -30.58
CA ILE A 5 6.96 -31.74 -31.52
C ILE A 5 5.80 -30.88 -31.02
N VAL A 6 6.06 -29.57 -30.92
CA VAL A 6 4.99 -28.59 -30.72
C VAL A 6 4.41 -28.24 -32.09
N LYS A 7 3.26 -28.83 -32.41
CA LYS A 7 2.63 -28.71 -33.75
C LYS A 7 1.61 -27.58 -33.85
N ASN A 8 1.49 -27.01 -35.10
CA ASN A 8 0.34 -26.17 -35.50
C ASN A 8 0.20 -24.75 -34.92
N GLY A 9 1.07 -24.41 -33.95
CA GLY A 9 1.02 -23.17 -33.18
C GLY A 9 1.71 -21.97 -33.84
N TYR A 10 1.36 -20.74 -33.40
CA TYR A 10 1.94 -19.51 -33.93
C TYR A 10 3.18 -19.09 -33.08
N VAL A 11 4.36 -19.26 -33.67
CA VAL A 11 5.63 -19.09 -32.99
C VAL A 11 6.11 -17.63 -33.01
N ILE A 12 6.55 -17.15 -31.85
CA ILE A 12 7.13 -15.81 -31.76
C ILE A 12 8.36 -15.90 -30.88
N ASP A 13 9.53 -15.84 -31.52
CA ASP A 13 10.80 -15.73 -30.79
C ASP A 13 11.49 -14.39 -31.13
N PRO A 14 11.17 -13.34 -30.36
CA PRO A 14 11.64 -11.98 -30.68
C PRO A 14 13.17 -11.82 -30.71
N SER A 15 13.88 -12.59 -29.90
CA SER A 15 15.35 -12.55 -29.86
C SER A 15 15.97 -12.95 -31.17
N GLN A 16 15.22 -13.73 -31.94
CA GLN A 16 15.67 -14.22 -33.23
C GLN A 16 14.93 -13.54 -34.36
N ASN A 17 14.01 -12.63 -34.00
CA ASN A 17 13.16 -11.97 -34.98
C ASN A 17 12.29 -12.96 -35.75
N LEU A 18 11.93 -14.07 -35.09
CA LEU A 18 11.17 -15.14 -35.71
C LEU A 18 9.68 -15.07 -35.37
N GLU A 19 8.84 -14.82 -36.37
CA GLU A 19 7.41 -15.08 -36.23
C GLU A 19 6.74 -15.77 -37.41
N GLY A 20 5.70 -16.55 -37.11
CA GLY A 20 4.91 -17.26 -38.12
C GLY A 20 4.41 -18.58 -37.58
N GLU A 21 3.77 -19.37 -38.44
CA GLU A 21 3.18 -20.67 -38.05
C GLU A 21 4.15 -21.83 -38.31
N PHE A 22 5.02 -22.09 -37.33
CA PHE A 22 5.99 -23.18 -37.39
C PHE A 22 5.75 -24.22 -36.29
N ASP A 23 6.29 -25.41 -36.54
CA ASP A 23 6.40 -26.45 -35.53
C ASP A 23 7.79 -26.43 -34.95
N ILE A 24 7.93 -27.01 -33.76
CA ILE A 24 9.21 -27.04 -33.06
C ILE A 24 9.59 -28.48 -32.68
N LEU A 25 10.77 -28.91 -33.09
CA LEU A 25 11.25 -30.21 -32.66
C LEU A 25 12.20 -30.05 -31.49
N VAL A 26 11.88 -30.76 -30.42
CA VAL A 26 12.71 -30.80 -29.23
C VAL A 26 13.34 -32.18 -29.11
N GLU A 27 14.64 -32.20 -28.83
CA GLU A 27 15.35 -33.44 -28.52
C GLU A 27 16.32 -33.23 -27.38
N ASN A 28 16.41 -34.22 -26.48
CA ASN A 28 17.35 -34.18 -25.35
C ASN A 28 17.29 -32.86 -24.61
N GLY A 29 16.06 -32.33 -24.50
CA GLY A 29 15.76 -31.10 -23.73
C GLY A 29 16.10 -29.78 -24.42
N LYS A 30 16.58 -29.85 -25.66
CA LYS A 30 17.06 -28.68 -26.40
C LYS A 30 16.28 -28.40 -27.70
N ILE A 31 16.21 -27.14 -28.11
CA ILE A 31 15.57 -26.81 -29.40
C ILE A 31 16.41 -27.35 -30.59
N LYS A 32 15.87 -28.36 -31.27
CA LYS A 32 16.52 -29.05 -32.41
C LYS A 32 16.30 -28.35 -33.76
N LYS A 33 15.03 -28.18 -34.12
CA LYS A 33 14.65 -27.61 -35.40
C LYS A 33 13.36 -26.80 -35.24
N ILE A 34 13.26 -25.73 -36.04
CA ILE A 34 12.03 -24.96 -36.18
C ILE A 34 11.71 -24.87 -37.66
N ASP A 35 10.58 -25.43 -38.04
CA ASP A 35 10.28 -25.59 -39.46
C ASP A 35 8.81 -25.81 -39.73
N LYS A 36 8.40 -25.42 -40.94
CA LYS A 36 7.04 -25.63 -41.43
C LYS A 36 6.76 -27.13 -41.57
N ASN A 37 5.62 -27.55 -41.03
CA ASN A 37 5.17 -28.96 -41.01
C ASN A 37 6.25 -30.02 -40.76
N ILE A 38 6.55 -30.27 -39.49
CA ILE A 38 7.57 -31.25 -39.09
C ILE A 38 6.89 -32.57 -38.68
N LEU A 39 7.50 -33.70 -39.04
CA LEU A 39 7.05 -35.00 -38.53
C LEU A 39 8.16 -36.04 -38.41
N VAL A 40 8.11 -36.77 -37.30
CA VAL A 40 8.99 -37.91 -37.05
C VAL A 40 8.08 -38.94 -36.42
N PRO A 41 8.14 -40.21 -36.91
CA PRO A 41 7.24 -41.23 -36.36
C PRO A 41 7.40 -41.42 -34.83
N GLU A 42 6.24 -41.50 -34.15
CA GLU A 42 6.13 -41.68 -32.69
C GLU A 42 6.97 -40.72 -31.84
N ALA A 43 7.37 -39.59 -32.41
CA ALA A 43 7.80 -38.45 -31.61
C ALA A 43 6.56 -37.87 -30.92
N GLU A 44 6.68 -37.51 -29.65
CA GLU A 44 5.54 -36.98 -28.90
C GLU A 44 5.00 -35.69 -29.50
N ILE A 45 3.68 -35.51 -29.43
CA ILE A 45 3.02 -34.36 -30.05
C ILE A 45 2.22 -33.50 -29.07
N ILE A 46 2.45 -32.19 -29.14
CA ILE A 46 1.61 -31.21 -28.45
C ILE A 46 0.90 -30.41 -29.53
N ASP A 47 -0.43 -30.41 -29.46
CA ASP A 47 -1.23 -29.67 -30.43
C ASP A 47 -1.49 -28.24 -29.97
N ALA A 48 -0.79 -27.29 -30.60
CA ALA A 48 -0.97 -25.82 -30.35
C ALA A 48 -1.79 -25.06 -31.46
N LYS A 49 -2.71 -25.78 -32.17
CA LYS A 49 -3.58 -25.16 -33.19
C LYS A 49 -4.48 -24.05 -32.51
N GLY A 50 -4.47 -22.92 -33.14
CA GLY A 50 -5.06 -21.70 -32.49
C GLY A 50 -4.31 -21.02 -31.30
N LEU A 51 -3.08 -21.44 -30.99
CA LEU A 51 -2.39 -20.86 -29.80
C LEU A 51 -1.07 -20.15 -30.08
N ILE A 52 -0.61 -19.30 -29.16
CA ILE A 52 0.69 -18.64 -29.31
C ILE A 52 1.78 -19.51 -28.68
N VAL A 53 2.86 -19.76 -29.44
CA VAL A 53 4.06 -20.44 -28.93
C VAL A 53 5.22 -19.44 -28.83
N CYS A 54 5.86 -19.37 -27.65
CA CYS A 54 6.97 -18.44 -27.44
C CYS A 54 7.99 -19.01 -26.45
N PRO A 55 9.13 -18.33 -26.21
CA PRO A 55 10.04 -18.84 -25.14
C PRO A 55 9.44 -18.80 -23.73
N GLY A 56 9.84 -19.75 -22.90
CA GLY A 56 9.38 -19.79 -21.52
C GLY A 56 9.65 -18.44 -20.87
N PHE A 57 8.66 -17.96 -20.09
CA PHE A 57 8.75 -16.66 -19.43
C PHE A 57 9.80 -16.69 -18.30
N ILE A 58 10.42 -15.54 -18.03
CA ILE A 58 11.41 -15.40 -16.95
C ILE A 58 10.93 -14.31 -15.99
N ASP A 59 10.74 -14.61 -14.70
CA ASP A 59 10.34 -13.55 -13.74
C ASP A 59 11.50 -13.31 -12.77
N ILE A 60 12.09 -12.13 -12.86
CA ILE A 60 13.27 -11.81 -12.10
C ILE A 60 12.95 -11.24 -10.71
N HIS A 61 11.71 -11.43 -10.24
CA HIS A 61 11.33 -10.88 -8.94
C HIS A 61 10.22 -11.68 -8.20
N VAL A 62 10.61 -12.74 -7.49
CA VAL A 62 9.67 -13.63 -6.82
C VAL A 62 10.09 -13.87 -5.38
N HIS A 63 9.13 -13.83 -4.45
CA HIS A 63 9.34 -14.24 -3.08
C HIS A 63 8.76 -15.63 -2.88
N LEU A 64 9.64 -16.58 -2.65
CA LEU A 64 9.23 -17.95 -2.43
C LEU A 64 9.04 -18.25 -0.95
N ARG A 65 9.48 -17.35 -0.08
CA ARG A 65 9.21 -17.48 1.39
C ARG A 65 9.84 -18.74 1.99
N ASP A 66 10.89 -19.24 1.30
CA ASP A 66 11.44 -20.56 1.58
C ASP A 66 12.96 -20.40 1.54
N PRO A 67 13.65 -20.52 2.68
CA PRO A 67 13.12 -20.96 4.00
C PRO A 67 12.41 -19.93 4.90
N GLY A 68 11.65 -20.45 5.84
CA GLY A 68 11.29 -19.71 7.05
C GLY A 68 9.92 -19.08 7.12
N GLN A 69 9.21 -18.99 5.99
CA GLN A 69 7.85 -18.41 6.00
C GLN A 69 6.98 -19.19 5.08
N THR A 70 7.14 -20.51 5.14
CA THR A 70 6.59 -21.40 4.12
C THR A 70 5.08 -21.68 4.31
N TYR A 71 4.47 -21.06 5.33
CA TYR A 71 3.03 -20.99 5.54
C TYR A 71 2.42 -19.97 4.55
N LYS A 72 3.24 -19.02 4.09
CA LYS A 72 2.83 -18.06 3.06
C LYS A 72 2.90 -18.65 1.64
N GLU A 73 3.90 -19.50 1.40
CA GLU A 73 4.35 -20.05 0.08
C GLU A 73 5.60 -20.88 0.32
N ASP A 74 5.88 -21.80 -0.58
CA ASP A 74 7.21 -22.44 -0.56
C ASP A 74 7.75 -22.63 -1.96
N ILE A 75 8.91 -23.28 -2.07
CA ILE A 75 9.53 -23.51 -3.38
C ILE A 75 8.59 -24.31 -4.25
N GLU A 76 7.96 -25.34 -3.70
CA GLU A 76 7.00 -26.14 -4.52
C GLU A 76 5.71 -25.39 -4.92
N SER A 77 5.02 -24.76 -3.97
CA SER A 77 3.83 -24.01 -4.31
C SER A 77 4.16 -22.82 -5.20
N GLY A 78 5.27 -22.11 -4.88
CA GLY A 78 5.84 -21.08 -5.77
C GLY A 78 6.12 -21.55 -7.21
N SER A 79 6.74 -22.70 -7.36
CA SER A 79 7.11 -23.22 -8.66
C SER A 79 5.88 -23.73 -9.41
N ARG A 80 4.84 -24.11 -8.67
CA ARG A 80 3.54 -24.44 -9.27
C ARG A 80 2.83 -23.20 -9.85
N CYS A 81 2.72 -22.13 -9.08
CA CYS A 81 2.18 -20.85 -9.58
C CYS A 81 2.92 -20.36 -10.79
N ALA A 82 4.26 -20.55 -10.77
CA ALA A 82 5.17 -20.08 -11.81
C ALA A 82 4.86 -20.73 -13.14
N VAL A 83 4.95 -22.04 -13.17
CA VAL A 83 4.63 -22.79 -14.38
C VAL A 83 3.16 -22.61 -14.83
N ALA A 84 2.22 -22.55 -13.89
CA ALA A 84 0.80 -22.27 -14.23
C ALA A 84 0.62 -20.90 -14.91
N GLY A 85 1.57 -19.98 -14.69
CA GLY A 85 1.54 -18.67 -15.32
C GLY A 85 2.51 -18.42 -16.49
N GLY A 86 3.08 -19.51 -17.04
CA GLY A 86 4.01 -19.47 -18.19
C GLY A 86 5.53 -19.37 -17.91
N PHE A 87 5.92 -19.33 -16.62
CA PHE A 87 7.33 -19.12 -16.18
C PHE A 87 8.15 -20.40 -16.07
N THR A 88 9.25 -20.48 -16.81
CA THR A 88 10.14 -21.67 -16.75
C THR A 88 11.43 -21.34 -15.96
N THR A 89 11.65 -20.04 -15.70
CA THR A 89 12.75 -19.52 -14.89
C THR A 89 12.23 -18.41 -13.99
N ILE A 90 12.52 -18.53 -12.71
CA ILE A 90 12.24 -17.46 -11.76
C ILE A 90 13.46 -17.21 -10.90
N VAL A 91 13.51 -16.00 -10.39
CA VAL A 91 14.61 -15.52 -9.63
C VAL A 91 13.99 -15.23 -8.26
N CYS A 92 14.48 -15.94 -7.26
CA CYS A 92 13.97 -15.72 -5.91
C CYS A 92 14.77 -14.66 -5.13
N MET A 93 14.02 -13.90 -4.33
CA MET A 93 14.53 -12.85 -3.50
C MET A 93 15.15 -13.42 -2.21
N PRO A 94 16.12 -12.66 -1.62
CA PRO A 94 16.90 -13.21 -0.51
C PRO A 94 16.35 -12.90 0.89
N ASN A 95 15.18 -12.29 0.96
CA ASN A 95 14.64 -11.90 2.26
C ASN A 95 13.89 -13.06 2.97
N THR A 96 14.47 -14.24 2.93
CA THR A 96 13.90 -15.39 3.55
C THR A 96 14.39 -15.42 4.99
N ASN A 97 14.05 -16.47 5.72
CA ASN A 97 14.57 -16.60 7.08
C ASN A 97 15.07 -18.04 7.30
N PRO A 98 16.37 -18.28 7.35
CA PRO A 98 17.48 -17.34 7.30
C PRO A 98 17.63 -16.66 5.93
N PRO A 99 18.14 -15.41 5.91
CA PRO A 99 18.27 -14.70 4.60
C PRO A 99 19.28 -15.38 3.72
N ILE A 100 19.18 -15.18 2.40
CA ILE A 100 20.23 -15.72 1.50
C ILE A 100 21.54 -14.92 1.60
N ASP A 101 22.31 -15.15 2.66
CA ASP A 101 23.58 -14.48 2.81
C ASP A 101 24.72 -15.42 3.07
N ASN A 102 24.51 -16.72 2.87
CA ASN A 102 25.58 -17.70 2.95
C ASN A 102 25.27 -18.80 1.98
N THR A 103 26.26 -19.63 1.67
CA THR A 103 26.13 -20.62 0.63
C THR A 103 25.25 -21.80 1.04
N THR A 104 25.04 -21.99 2.35
CA THR A 104 24.17 -23.08 2.85
C THR A 104 22.73 -22.79 2.45
N VAL A 105 22.30 -21.55 2.61
CA VAL A 105 20.95 -21.16 2.20
C VAL A 105 20.81 -21.25 0.67
N VAL A 106 21.79 -20.72 -0.07
CA VAL A 106 21.82 -20.88 -1.52
C VAL A 106 21.66 -22.34 -1.95
N ASN A 107 22.52 -23.20 -1.44
CA ASN A 107 22.49 -24.61 -1.78
C ASN A 107 21.21 -25.34 -1.38
N TYR A 108 20.65 -25.04 -0.20
CA TYR A 108 19.33 -25.52 0.20
C TYR A 108 18.28 -25.21 -0.89
N ILE A 109 18.25 -23.96 -1.34
CA ILE A 109 17.30 -23.54 -2.39
C ILE A 109 17.56 -24.25 -3.72
N LEU A 110 18.81 -24.30 -4.18
CA LEU A 110 19.13 -25.01 -5.43
C LEU A 110 18.73 -26.49 -5.42
N GLN A 111 19.06 -27.20 -4.33
CA GLN A 111 18.77 -28.62 -4.25
C GLN A 111 17.27 -28.86 -4.07
N LYS A 112 16.59 -28.07 -3.24
CA LYS A 112 15.14 -28.21 -3.09
C LYS A 112 14.42 -27.95 -4.41
N SER A 113 14.81 -26.90 -5.11
CA SER A 113 14.23 -26.57 -6.39
C SER A 113 14.47 -27.65 -7.43
N LYS A 114 15.62 -28.30 -7.33
CA LYS A 114 15.95 -29.39 -8.23
C LYS A 114 15.02 -30.58 -7.97
N SER A 115 14.75 -30.85 -6.70
CA SER A 115 13.78 -31.89 -6.36
C SER A 115 12.38 -31.64 -6.90
N VAL A 116 11.89 -30.40 -6.79
CA VAL A 116 10.53 -30.03 -7.19
C VAL A 116 10.43 -30.17 -8.70
N GLY A 117 11.54 -29.90 -9.38
CA GLY A 117 11.74 -30.13 -10.81
C GLY A 117 10.75 -29.54 -11.81
N LEU A 118 10.22 -28.36 -11.55
CA LEU A 118 9.21 -27.77 -12.46
C LEU A 118 9.73 -26.58 -13.25
N CYS A 119 10.70 -25.89 -12.67
CA CYS A 119 10.92 -24.49 -12.90
C CYS A 119 12.36 -24.27 -12.43
N ARG A 120 13.20 -23.64 -13.26
CA ARG A 120 14.54 -23.16 -12.82
C ARG A 120 14.40 -22.05 -11.74
N VAL A 121 14.94 -22.27 -10.55
CA VAL A 121 14.92 -21.25 -9.51
C VAL A 121 16.37 -20.75 -9.33
N LEU A 122 16.56 -19.47 -9.60
CA LEU A 122 17.87 -18.83 -9.55
C LEU A 122 17.91 -17.91 -8.33
N PRO A 123 18.79 -18.20 -7.35
CA PRO A 123 18.76 -17.34 -6.18
C PRO A 123 19.54 -16.05 -6.38
N THR A 124 19.27 -15.07 -5.51
CA THR A 124 20.05 -13.87 -5.40
C THR A 124 20.56 -13.92 -3.97
N GLY A 125 21.64 -13.21 -3.68
CA GLY A 125 22.12 -13.01 -2.32
C GLY A 125 21.75 -11.61 -1.81
N THR A 126 21.94 -11.37 -0.52
CA THR A 126 21.72 -10.04 0.05
C THR A 126 22.90 -9.10 -0.35
N ILE A 127 22.69 -7.78 -0.25
CA ILE A 127 23.79 -6.82 -0.34
C ILE A 127 24.58 -6.78 0.98
N THR A 128 23.88 -6.84 2.11
CA THR A 128 24.51 -6.79 3.42
C THR A 128 24.21 -8.06 4.22
N LYS A 129 25.10 -8.37 5.16
CA LYS A 129 24.94 -9.51 6.02
C LYS A 129 23.66 -9.30 6.85
N GLY A 130 22.78 -10.31 6.81
CA GLY A 130 21.50 -10.30 7.49
C GLY A 130 20.51 -9.31 6.88
N ARG A 131 20.84 -8.69 5.75
CA ARG A 131 20.09 -7.48 5.26
C ARG A 131 19.98 -6.37 6.31
N LYS A 132 20.95 -6.34 7.24
CA LYS A 132 20.97 -5.36 8.29
C LYS A 132 21.53 -4.03 7.89
N GLY A 133 22.14 -3.94 6.71
CA GLY A 133 22.61 -2.70 6.17
C GLY A 133 23.97 -2.26 6.66
N LYS A 134 24.65 -3.07 7.48
CA LYS A 134 25.86 -2.58 8.15
C LYS A 134 27.14 -3.11 7.48
N GLU A 135 27.14 -4.38 7.05
CA GLU A 135 28.31 -5.02 6.45
C GLU A 135 27.94 -5.68 5.15
N ILE A 136 28.77 -5.47 4.13
CA ILE A 136 28.57 -6.11 2.83
C ILE A 136 28.63 -7.61 2.99
N ALA A 137 27.77 -8.30 2.26
CA ALA A 137 27.72 -9.74 2.26
C ALA A 137 28.88 -10.26 1.42
N ASP A 138 29.08 -11.58 1.49
CA ASP A 138 30.14 -12.24 0.75
C ASP A 138 29.75 -12.51 -0.69
N PHE A 139 29.82 -11.47 -1.53
CA PHE A 139 29.48 -11.54 -2.96
C PHE A 139 30.15 -12.69 -3.67
N TYR A 140 31.41 -12.87 -3.37
CA TYR A 140 32.18 -13.85 -4.05
C TYR A 140 31.71 -15.29 -3.76
N SER A 141 31.56 -15.65 -2.48
CA SER A 141 31.12 -17.01 -2.17
C SER A 141 29.73 -17.27 -2.72
N LEU A 142 28.91 -16.24 -2.64
CA LEU A 142 27.51 -16.27 -3.04
C LEU A 142 27.34 -16.40 -4.53
N LYS A 143 28.02 -15.55 -5.31
CA LYS A 143 28.08 -15.70 -6.77
C LYS A 143 28.59 -17.07 -7.22
N GLU A 144 29.72 -17.52 -6.65
CA GLU A 144 30.25 -18.84 -6.93
C GLU A 144 29.29 -20.02 -6.62
N ALA A 145 28.45 -19.89 -5.61
CA ALA A 145 27.46 -20.90 -5.32
C ALA A 145 26.22 -20.85 -6.27
N GLY A 146 26.03 -19.77 -7.02
CA GLY A 146 24.92 -19.68 -7.95
C GLY A 146 24.07 -18.40 -7.86
N CYS A 147 24.31 -17.48 -6.92
CA CYS A 147 23.53 -16.22 -6.92
C CYS A 147 23.72 -15.47 -8.22
N VAL A 148 22.63 -14.94 -8.79
CA VAL A 148 22.70 -14.19 -10.05
C VAL A 148 22.63 -12.65 -9.91
N ALA A 149 22.47 -12.16 -8.68
CA ALA A 149 22.31 -10.73 -8.39
C ALA A 149 22.28 -10.62 -6.85
N PHE A 150 22.44 -9.38 -6.38
CA PHE A 150 22.46 -9.03 -4.96
C PHE A 150 21.42 -7.94 -4.78
N THR A 151 20.61 -8.12 -3.74
CA THR A 151 19.61 -7.12 -3.35
C THR A 151 19.39 -7.14 -1.84
N ASP A 152 19.04 -6.01 -1.25
CA ASP A 152 18.60 -6.06 0.17
C ASP A 152 17.06 -6.05 0.31
N ASP A 153 16.38 -6.16 -0.83
CA ASP A 153 14.94 -6.34 -0.92
C ASP A 153 14.37 -7.28 0.18
N GLY A 154 13.38 -6.82 0.96
CA GLY A 154 12.66 -5.54 0.72
C GLY A 154 13.10 -4.31 1.49
N SER A 155 14.37 -4.28 1.89
CA SER A 155 14.98 -3.10 2.50
C SER A 155 15.82 -2.29 1.49
N PRO A 156 15.83 -0.96 1.67
CA PRO A 156 16.76 -0.12 0.91
C PRO A 156 18.17 -0.18 1.56
N VAL A 157 19.20 0.15 0.80
CA VAL A 157 20.50 0.41 1.35
C VAL A 157 20.57 1.90 1.57
N MET A 158 20.78 2.30 2.82
CA MET A 158 20.70 3.69 3.18
C MET A 158 22.04 4.40 3.06
N ASP A 159 23.13 3.67 3.24
CA ASP A 159 24.46 4.25 3.15
C ASP A 159 24.90 4.14 1.70
N SER A 160 25.12 5.29 1.08
CA SER A 160 25.54 5.37 -0.31
C SER A 160 26.91 4.73 -0.56
N SER A 161 27.81 4.77 0.42
CA SER A 161 29.11 4.16 0.25
C SER A 161 28.92 2.67 0.20
N VAL A 162 27.97 2.12 0.96
CA VAL A 162 27.68 0.70 0.92
C VAL A 162 27.17 0.27 -0.46
N MET A 163 26.26 1.07 -1.00
CA MET A 163 25.74 0.78 -2.31
C MET A 163 26.85 0.92 -3.38
N ARG A 164 27.70 1.92 -3.22
CA ARG A 164 28.79 2.10 -4.16
C ARG A 164 29.71 0.87 -4.13
N LYS A 165 30.10 0.43 -2.92
CA LYS A 165 30.92 -0.77 -2.72
C LYS A 165 30.29 -2.04 -3.25
N ALA A 166 29.00 -2.21 -3.03
CA ALA A 166 28.35 -3.38 -3.55
C ALA A 166 28.39 -3.41 -5.10
N LEU A 167 28.15 -2.26 -5.73
CA LEU A 167 28.23 -2.17 -7.18
C LEU A 167 29.59 -2.47 -7.76
N GLU A 168 30.63 -2.02 -7.07
CA GLU A 168 31.99 -2.28 -7.47
C GLU A 168 32.31 -3.76 -7.43
N LEU A 169 31.97 -4.39 -6.29
CA LEU A 169 32.30 -5.78 -6.10
C LEU A 169 31.47 -6.68 -6.99
N ALA A 170 30.20 -6.35 -7.14
CA ALA A 170 29.33 -7.09 -8.02
C ALA A 170 29.78 -6.93 -9.46
N SER A 171 30.13 -5.72 -9.91
CA SER A 171 30.57 -5.61 -11.29
C SER A 171 31.84 -6.39 -11.53
N GLN A 172 32.74 -6.42 -10.55
CA GLN A 172 33.95 -7.20 -10.68
C GLN A 172 33.63 -8.66 -10.92
N LEU A 173 32.54 -9.13 -10.34
CA LEU A 173 32.03 -10.50 -10.51
C LEU A 173 31.10 -10.71 -11.72
N GLY A 174 30.76 -9.64 -12.45
CA GLY A 174 29.93 -9.71 -13.65
C GLY A 174 28.44 -9.88 -13.39
N VAL A 175 27.97 -9.47 -12.22
CA VAL A 175 26.56 -9.63 -11.83
C VAL A 175 25.92 -8.26 -11.43
N PRO A 176 24.59 -8.11 -11.64
CA PRO A 176 23.94 -6.85 -11.26
C PRO A 176 23.53 -6.72 -9.76
N ILE A 177 23.34 -5.47 -9.35
CA ILE A 177 22.64 -5.15 -8.11
C ILE A 177 21.17 -4.85 -8.50
N MET A 178 20.23 -5.46 -7.75
CA MET A 178 18.83 -5.18 -7.81
C MET A 178 18.46 -4.35 -6.61
N ASP A 179 17.93 -3.18 -6.87
CA ASP A 179 17.70 -2.26 -5.77
C ASP A 179 16.22 -1.99 -5.60
N HIS A 180 15.79 -2.14 -4.34
CA HIS A 180 14.51 -1.65 -3.78
C HIS A 180 14.78 -0.20 -3.35
N CYS A 181 14.33 0.72 -4.20
CA CYS A 181 14.59 2.13 -4.00
C CYS A 181 13.46 2.75 -3.22
N GLU A 182 13.73 3.05 -1.95
CA GLU A 182 12.76 3.72 -1.08
C GLU A 182 13.45 4.16 0.21
N ASP A 183 13.97 5.39 0.18
CA ASP A 183 14.61 6.08 1.31
C ASP A 183 13.73 5.96 2.57
N ASP A 184 14.28 5.31 3.61
CA ASP A 184 13.48 4.89 4.76
C ASP A 184 13.08 6.05 5.68
N LYS A 185 13.68 7.21 5.44
CA LYS A 185 13.33 8.44 6.19
C LYS A 185 12.09 9.10 5.61
N LEU A 186 11.85 8.84 4.32
CA LEU A 186 10.71 9.39 3.53
C LEU A 186 9.62 8.36 3.22
N ALA A 187 9.87 7.10 3.52
CA ALA A 187 8.93 6.03 3.25
C ALA A 187 8.89 5.07 4.44
N TYR A 188 8.20 5.46 5.51
CA TYR A 188 8.02 4.51 6.59
C TYR A 188 6.54 4.28 6.92
N GLY A 189 5.65 5.01 6.24
CA GLY A 189 4.22 4.81 6.40
C GLY A 189 3.71 3.66 5.56
N VAL A 190 2.41 3.64 5.29
CA VAL A 190 1.81 2.41 4.76
C VAL A 190 1.34 2.50 3.30
N ILE A 191 0.91 3.68 2.88
CA ILE A 191 0.38 3.80 1.52
C ILE A 191 1.01 5.04 0.84
N ASN A 192 0.58 5.36 -0.39
CA ASN A 192 1.10 6.49 -1.13
C ASN A 192 0.77 7.78 -0.39
N GLU A 193 1.68 8.76 -0.46
CA GLU A 193 1.38 10.15 -0.02
C GLU A 193 0.53 10.83 -1.12
N GLY A 194 -0.78 10.77 -0.98
CA GLY A 194 -1.71 11.23 -1.99
C GLY A 194 -3.07 11.49 -1.36
N GLU A 195 -4.13 11.22 -2.10
CA GLU A 195 -5.48 11.63 -1.69
C GLU A 195 -6.07 10.70 -0.63
N VAL A 196 -5.64 9.43 -0.66
CA VAL A 196 -6.19 8.44 0.25
C VAL A 196 -5.56 8.63 1.64
N SER A 197 -4.26 8.82 1.68
CA SER A 197 -3.58 9.16 2.94
C SER A 197 -4.11 10.46 3.57
N ALA A 198 -4.36 11.50 2.77
CA ALA A 198 -4.92 12.77 3.26
C ALA A 198 -6.31 12.54 3.78
N LEU A 199 -7.09 11.76 3.05
CA LEU A 199 -8.47 11.56 3.42
C LEU A 199 -8.58 10.75 4.71
N LEU A 200 -7.86 9.66 4.78
CA LEU A 200 -8.00 8.70 5.87
C LEU A 200 -7.00 8.88 7.02
N GLY A 201 -5.87 9.53 6.78
CA GLY A 201 -4.95 9.74 7.87
C GLY A 201 -4.03 8.57 8.05
N LEU A 202 -3.95 7.68 7.07
CA LEU A 202 -2.98 6.61 7.10
C LEU A 202 -1.65 7.23 6.79
N SER A 203 -0.62 6.70 7.44
CA SER A 203 0.73 7.15 7.24
C SER A 203 1.18 6.85 5.78
N SER A 204 2.12 7.61 5.29
CA SER A 204 2.32 7.65 3.86
C SER A 204 3.76 7.35 3.54
N ARG A 205 3.98 7.05 2.28
CA ARG A 205 5.29 6.81 1.72
C ARG A 205 5.46 7.77 0.53
N ALA A 206 6.42 8.69 0.64
CA ALA A 206 6.58 9.79 -0.30
C ALA A 206 7.15 9.23 -1.60
N PRO A 207 6.66 9.68 -2.77
CA PRO A 207 7.22 9.23 -4.07
C PRO A 207 8.71 9.55 -4.19
N GLU A 208 9.12 10.62 -3.56
CA GLU A 208 10.52 11.08 -3.56
C GLU A 208 11.45 10.04 -2.90
N ALA A 209 10.96 9.25 -1.94
CA ALA A 209 11.78 8.18 -1.35
C ALA A 209 12.34 7.27 -2.46
N GLU A 210 11.49 6.91 -3.42
CA GLU A 210 11.85 6.07 -4.55
C GLU A 210 12.77 6.82 -5.54
N GLU A 211 12.40 8.04 -5.89
CA GLU A 211 13.11 8.82 -6.91
C GLU A 211 14.52 9.16 -6.47
N ILE A 212 14.67 9.63 -5.23
CA ILE A 212 15.96 9.92 -4.66
C ILE A 212 16.92 8.74 -4.80
N GLN A 213 16.42 7.55 -4.53
CA GLN A 213 17.27 6.34 -4.58
C GLN A 213 17.56 5.83 -5.98
N ILE A 214 16.63 6.03 -6.89
CA ILE A 214 16.83 5.76 -8.31
C ILE A 214 17.90 6.68 -8.87
N ALA A 215 17.80 7.96 -8.55
CA ALA A 215 18.79 8.92 -9.02
C ALA A 215 20.17 8.52 -8.49
N ARG A 216 20.24 8.22 -7.18
CA ARG A 216 21.46 7.79 -6.54
C ARG A 216 22.06 6.59 -7.25
N ASP A 217 21.23 5.57 -7.51
CA ASP A 217 21.65 4.34 -8.16
C ASP A 217 22.13 4.55 -9.57
N GLY A 218 21.52 5.45 -10.35
CA GLY A 218 21.96 5.69 -11.69
C GLY A 218 23.31 6.42 -11.69
N ILE A 219 23.49 7.39 -10.80
CA ILE A 219 24.78 8.04 -10.60
C ILE A 219 25.91 7.06 -10.21
N LEU A 220 25.63 6.13 -9.31
CA LEU A 220 26.59 5.16 -8.86
C LEU A 220 26.91 4.15 -9.94
N ALA A 221 25.93 3.77 -10.73
CA ALA A 221 26.16 2.84 -11.81
C ALA A 221 27.02 3.55 -12.86
N GLN A 222 26.75 4.83 -13.13
CA GLN A 222 27.59 5.59 -14.09
C GLN A 222 29.05 5.73 -13.65
N ARG A 223 29.27 6.02 -12.36
CA ARG A 223 30.58 6.23 -11.80
C ARG A 223 31.33 4.93 -11.57
N THR A 224 30.66 3.85 -11.18
CA THR A 224 31.37 2.59 -10.93
C THR A 224 31.46 1.71 -12.20
N GLY A 225 30.60 1.95 -13.20
CA GLY A 225 30.40 1.06 -14.31
C GLY A 225 29.64 -0.21 -13.94
N GLY A 226 29.05 -0.25 -12.77
CA GLY A 226 28.24 -1.41 -12.37
C GLY A 226 26.91 -1.42 -13.09
N HIS A 227 26.23 -2.54 -13.02
CA HIS A 227 24.89 -2.66 -13.55
C HIS A 227 23.89 -2.66 -12.36
N VAL A 228 23.05 -1.63 -12.34
CA VAL A 228 21.96 -1.60 -11.39
C VAL A 228 20.60 -1.85 -12.09
N HIS A 229 19.78 -2.65 -11.42
CA HIS A 229 18.48 -2.96 -11.86
C HIS A 229 17.44 -2.40 -10.83
N ILE A 230 16.64 -1.43 -11.26
CA ILE A 230 15.63 -0.82 -10.41
C ILE A 230 14.38 -1.71 -10.34
N GLN A 231 14.09 -2.18 -9.14
CA GLN A 231 13.01 -3.14 -8.94
C GLN A 231 11.56 -2.73 -9.06
N HIS A 232 11.13 -1.54 -8.79
CA HIS A 232 9.67 -1.53 -9.08
C HIS A 232 9.33 -0.10 -9.13
N VAL A 233 9.28 0.39 -10.37
CA VAL A 233 9.14 1.77 -10.65
C VAL A 233 7.65 2.07 -10.54
N SER A 234 7.33 3.22 -9.97
CA SER A 234 5.93 3.55 -9.70
C SER A 234 5.55 4.99 -9.95
N THR A 235 6.49 5.83 -10.37
CA THR A 235 6.17 7.22 -10.72
C THR A 235 6.75 7.64 -12.03
N LYS A 236 6.20 8.72 -12.57
CA LYS A 236 6.66 9.37 -13.80
C LYS A 236 8.04 9.98 -13.63
N LEU A 237 8.27 10.71 -12.53
CA LEU A 237 9.61 11.25 -12.27
C LEU A 237 10.65 10.12 -12.24
N SER A 238 10.33 8.98 -11.62
CA SER A 238 11.26 7.82 -11.64
C SER A 238 11.70 7.39 -13.04
N LEU A 239 10.74 7.35 -13.95
CA LEU A 239 10.98 6.97 -15.33
C LEU A 239 11.78 8.01 -16.09
N GLU A 240 11.50 9.30 -15.84
CA GLU A 240 12.32 10.42 -16.40
C GLU A 240 13.79 10.37 -15.94
N ILE A 241 14.04 10.05 -14.67
CA ILE A 241 15.39 9.89 -14.16
C ILE A 241 16.09 8.66 -14.74
N ILE A 242 15.39 7.54 -14.87
CA ILE A 242 15.98 6.33 -15.43
C ILE A 242 16.42 6.57 -16.85
N GLU A 243 15.57 7.25 -17.62
CA GLU A 243 15.85 7.52 -19.01
C GLU A 243 17.01 8.50 -19.18
N PHE A 244 17.07 9.53 -18.34
CA PHE A 244 18.25 10.43 -18.22
C PHE A 244 19.58 9.63 -18.19
N PHE A 245 19.64 8.56 -17.40
CA PHE A 245 20.86 7.74 -17.28
C PHE A 245 21.03 6.71 -18.42
N LYS A 246 19.95 6.04 -18.83
CA LYS A 246 20.04 5.21 -20.02
C LYS A 246 20.61 5.96 -21.20
N GLU A 247 20.08 7.15 -21.49
CA GLU A 247 20.57 8.00 -22.60
C GLU A 247 22.04 8.34 -22.53
N LYS A 248 22.65 8.14 -21.36
CA LYS A 248 24.09 8.33 -21.23
C LYS A 248 24.88 7.02 -21.34
N GLY A 249 24.23 5.89 -21.63
CA GLY A 249 24.95 4.62 -21.76
C GLY A 249 25.24 3.91 -20.44
N VAL A 250 24.62 4.39 -19.36
CA VAL A 250 24.73 3.82 -18.03
C VAL A 250 24.01 2.47 -18.00
N LYS A 251 24.60 1.46 -17.37
CA LYS A 251 23.93 0.16 -17.27
C LYS A 251 22.91 0.20 -16.15
N ILE A 252 21.75 0.76 -16.46
CA ILE A 252 20.59 0.80 -15.55
C ILE A 252 19.39 0.21 -16.32
N THR A 253 18.74 -0.78 -15.70
CA THR A 253 17.55 -1.42 -16.21
C THR A 253 16.43 -1.23 -15.18
N CYS A 254 15.18 -1.48 -15.56
CA CYS A 254 14.08 -1.49 -14.59
C CYS A 254 12.96 -2.44 -15.02
N GLU A 255 12.04 -2.69 -14.10
CA GLU A 255 10.97 -3.65 -14.32
C GLU A 255 9.74 -2.94 -13.82
N VAL A 256 8.57 -3.38 -14.26
CA VAL A 256 7.34 -2.92 -13.68
C VAL A 256 6.48 -4.10 -13.17
N ASN A 257 5.92 -3.90 -11.99
CA ASN A 257 4.90 -4.75 -11.41
C ASN A 257 3.59 -4.49 -12.16
N PRO A 258 3.05 -5.51 -12.84
CA PRO A 258 1.74 -5.30 -13.51
C PRO A 258 0.64 -4.64 -12.63
N ASN A 259 0.80 -4.71 -11.31
CA ASN A 259 -0.17 -4.10 -10.40
C ASN A 259 -0.13 -2.56 -10.42
N HIS A 260 1.06 -1.99 -10.53
CA HIS A 260 1.17 -0.54 -10.72
C HIS A 260 0.63 -0.04 -12.10
N LEU A 261 0.49 -0.97 -13.06
CA LEU A 261 -0.13 -0.68 -14.39
C LEU A 261 -1.67 -0.75 -14.34
N LEU A 262 -2.19 -1.50 -13.37
CA LEU A 262 -3.64 -1.71 -13.27
C LEU A 262 -4.34 -0.75 -12.30
N PHE A 263 -3.64 -0.43 -11.20
CA PHE A 263 -4.26 0.07 -9.99
C PHE A 263 -3.61 1.35 -9.52
N THR A 264 -4.42 2.23 -8.94
CA THR A 264 -3.91 3.42 -8.27
C THR A 264 -4.10 3.24 -6.74
N GLU A 265 -3.64 4.23 -5.98
CA GLU A 265 -3.90 4.36 -4.54
C GLU A 265 -5.37 4.23 -4.13
N ARG A 266 -6.31 4.58 -5.01
CA ARG A 266 -7.75 4.37 -4.72
C ARG A 266 -8.15 2.90 -4.53
N GLU A 267 -7.38 1.96 -5.08
CA GLU A 267 -7.61 0.53 -4.81
C GLU A 267 -7.58 0.18 -3.28
N VAL A 268 -6.80 0.91 -2.49
CA VAL A 268 -6.88 0.86 -1.02
C VAL A 268 -8.30 1.04 -0.48
N LEU A 269 -9.07 1.91 -1.13
CA LEU A 269 -10.49 2.06 -0.79
C LEU A 269 -11.41 0.86 -1.22
N ASN A 270 -11.01 0.10 -2.25
CA ASN A 270 -11.76 -1.08 -2.78
C ASN A 270 -11.30 -2.46 -2.27
N SER A 271 -9.99 -2.66 -2.13
CA SER A 271 -9.39 -3.94 -1.69
C SER A 271 -8.74 -3.90 -0.31
N GLY A 272 -8.76 -2.74 0.36
CA GLY A 272 -8.09 -2.62 1.68
C GLY A 272 -6.63 -3.08 1.63
N ALA A 273 -6.26 -3.97 2.56
CA ALA A 273 -4.86 -4.40 2.73
C ALA A 273 -4.28 -5.19 1.53
N ASN A 274 -5.14 -5.79 0.72
CA ASN A 274 -4.69 -6.41 -0.55
C ASN A 274 -4.13 -5.42 -1.57
N ALA A 275 -4.36 -4.11 -1.36
CA ALA A 275 -3.69 -3.03 -2.15
C ALA A 275 -2.45 -2.43 -1.47
N ARG A 276 -2.13 -2.94 -0.28
CA ARG A 276 -0.89 -2.53 0.40
C ARG A 276 0.38 -3.22 -0.15
N VAL A 277 1.29 -2.39 -0.68
CA VAL A 277 2.48 -2.82 -1.39
C VAL A 277 3.56 -1.72 -1.30
N ASN A 278 4.83 -2.13 -1.38
CA ASN A 278 6.02 -1.27 -1.37
C ASN A 278 6.74 -1.47 -2.73
N PRO A 279 6.89 -0.40 -3.54
CA PRO A 279 6.44 0.96 -3.20
C PRO A 279 4.90 0.99 -3.40
N PRO A 280 4.20 1.97 -2.81
CA PRO A 280 2.72 1.96 -3.03
C PRO A 280 2.19 2.21 -4.46
N LEU A 281 0.95 1.78 -4.67
CA LEU A 281 0.15 2.21 -5.79
C LEU A 281 -0.03 3.75 -5.69
N ARG A 282 0.35 4.45 -6.76
CA ARG A 282 0.35 5.90 -6.78
C ARG A 282 -0.92 6.45 -7.44
N LYS A 283 -0.80 7.60 -8.07
CA LYS A 283 -1.97 8.24 -8.66
C LYS A 283 -2.19 7.80 -10.09
N LYS A 284 -3.34 8.22 -10.64
CA LYS A 284 -3.70 8.02 -12.05
C LYS A 284 -2.59 8.51 -12.99
N GLU A 285 -2.09 9.73 -12.76
CA GLU A 285 -1.00 10.32 -13.56
C GLU A 285 0.31 9.44 -13.61
N ASP A 286 0.64 8.80 -12.49
CA ASP A 286 1.74 7.86 -12.43
C ASP A 286 1.42 6.55 -13.16
N ARG A 287 0.24 5.98 -12.93
CA ARG A 287 -0.22 4.78 -13.67
C ARG A 287 -0.08 4.91 -15.22
N LEU A 288 -0.54 6.03 -15.75
CA LEU A 288 -0.47 6.33 -17.16
C LEU A 288 0.96 6.61 -17.63
N ALA A 289 1.77 7.18 -16.74
CA ALA A 289 3.19 7.37 -17.01
C ALA A 289 3.88 6.02 -17.18
N LEU A 290 3.57 5.07 -16.31
CA LEU A 290 4.15 3.73 -16.38
C LEU A 290 3.86 2.98 -17.69
N ILE A 291 2.63 3.12 -18.16
CA ILE A 291 2.12 2.52 -19.37
C ILE A 291 2.85 3.14 -20.57
N GLU A 292 2.98 4.46 -20.55
CA GLU A 292 3.78 5.15 -21.53
C GLU A 292 5.27 4.70 -21.46
N GLY A 293 5.81 4.51 -20.24
CA GLY A 293 7.15 3.96 -20.06
C GLY A 293 7.36 2.58 -20.66
N VAL A 294 6.36 1.69 -20.50
CA VAL A 294 6.35 0.35 -21.17
C VAL A 294 6.27 0.46 -22.71
N LYS A 295 5.37 1.32 -23.19
CA LYS A 295 5.21 1.57 -24.59
C LYS A 295 6.49 2.12 -25.24
N ARG A 296 7.13 3.09 -24.58
CA ARG A 296 8.26 3.75 -25.22
C ARG A 296 9.64 3.19 -24.88
N GLY A 297 9.64 2.00 -24.28
CA GLY A 297 10.85 1.24 -24.07
C GLY A 297 11.77 1.61 -22.90
N ILE A 298 11.32 2.54 -22.05
CA ILE A 298 12.10 2.87 -20.83
C ILE A 298 12.12 1.68 -19.83
N ILE A 299 10.98 1.01 -19.67
CA ILE A 299 10.86 -0.12 -18.78
C ILE A 299 11.30 -1.40 -19.53
N ASP A 300 12.24 -2.14 -18.96
CA ASP A 300 12.91 -3.22 -19.74
C ASP A 300 12.12 -4.55 -19.68
N CYS A 301 11.39 -4.80 -18.59
CA CYS A 301 10.68 -6.07 -18.45
C CYS A 301 9.51 -6.01 -17.47
N PHE A 302 8.64 -7.00 -17.54
CA PHE A 302 7.65 -7.20 -16.46
C PHE A 302 8.29 -8.10 -15.42
N ALA A 303 8.00 -7.86 -14.16
CA ALA A 303 8.43 -8.76 -13.08
C ALA A 303 7.35 -8.62 -12.02
N THR A 304 6.76 -9.74 -11.64
CA THR A 304 5.62 -9.74 -10.75
C THR A 304 5.85 -9.18 -9.35
N ASP A 305 7.04 -9.37 -8.77
CA ASP A 305 7.17 -9.12 -7.34
C ASP A 305 6.10 -9.95 -6.56
N HIS A 306 5.87 -11.17 -7.04
CA HIS A 306 5.07 -12.15 -6.35
C HIS A 306 5.41 -12.19 -4.86
N ALA A 307 4.52 -11.59 -4.05
CA ALA A 307 4.81 -11.39 -2.63
C ALA A 307 3.65 -11.88 -1.77
N PRO A 308 3.57 -13.22 -1.55
CA PRO A 308 2.50 -13.85 -0.77
C PRO A 308 2.54 -13.46 0.69
N HIS A 309 1.37 -13.11 1.21
CA HIS A 309 1.14 -12.94 2.66
C HIS A 309 -0.18 -13.57 3.02
N GLN A 310 -0.27 -14.13 4.22
CA GLN A 310 -1.53 -14.74 4.62
C GLN A 310 -2.65 -13.71 4.85
N THR A 311 -3.89 -14.20 4.97
CA THR A 311 -5.06 -13.34 5.15
C THR A 311 -5.03 -12.55 6.46
N PHE A 312 -4.47 -13.14 7.52
CA PHE A 312 -4.33 -12.49 8.82
C PHE A 312 -3.26 -11.38 8.80
N GLU A 313 -2.38 -11.43 7.80
CA GLU A 313 -1.42 -10.35 7.53
C GLU A 313 -2.01 -9.27 6.59
N LYS A 314 -3.30 -9.38 6.30
CA LYS A 314 -4.00 -8.50 5.36
C LYS A 314 -5.38 -8.03 5.85
N GLU A 315 -5.42 -7.43 7.04
CA GLU A 315 -6.71 -6.98 7.58
C GLU A 315 -6.78 -5.46 7.67
N LEU A 316 -6.38 -4.85 8.79
CA LEU A 316 -6.29 -3.40 8.87
C LEU A 316 -5.07 -2.97 8.08
N VAL A 317 -5.28 -2.02 7.18
CA VAL A 317 -4.22 -1.53 6.30
C VAL A 317 -3.00 -1.13 7.14
N GLU A 318 -3.22 -0.46 8.26
CA GLU A 318 -2.12 0.00 9.12
C GLU A 318 -1.15 -1.15 9.50
N PHE A 319 -1.68 -2.36 9.68
CA PHE A 319 -0.90 -3.48 10.22
C PHE A 319 -0.55 -4.57 9.23
N ALA A 320 -1.06 -4.39 8.01
CA ALA A 320 -0.88 -5.38 6.95
C ALA A 320 0.57 -5.46 6.48
N MET A 321 1.04 -6.67 6.19
CA MET A 321 2.30 -6.85 5.45
C MET A 321 2.15 -6.33 4.00
N PRO A 322 3.14 -5.57 3.52
CA PRO A 322 3.09 -5.09 2.11
C PRO A 322 3.41 -6.21 1.09
N GLY A 323 2.65 -6.27 0.00
CA GLY A 323 2.92 -7.24 -1.05
C GLY A 323 1.66 -7.73 -1.73
N ILE A 324 1.78 -8.06 -3.03
CA ILE A 324 0.71 -8.66 -3.81
C ILE A 324 1.21 -9.92 -4.56
N ILE A 325 0.42 -11.00 -4.64
CA ILE A 325 0.84 -12.16 -5.45
C ILE A 325 0.60 -11.83 -6.92
N GLY A 326 1.33 -12.48 -7.84
CA GLY A 326 1.15 -12.17 -9.26
C GLY A 326 1.70 -13.10 -10.32
N LEU A 327 2.26 -14.24 -9.95
CA LEU A 327 2.81 -15.14 -10.98
C LEU A 327 1.78 -15.65 -11.99
N GLN A 328 0.60 -16.01 -11.47
CA GLN A 328 -0.45 -16.66 -12.25
C GLN A 328 -1.31 -15.66 -12.99
N THR A 329 -1.07 -14.39 -12.69
CA THR A 329 -1.94 -13.29 -12.98
C THR A 329 -1.19 -12.27 -13.91
N ALA A 330 0.14 -12.41 -13.98
CA ALA A 330 0.98 -11.57 -14.87
C ALA A 330 0.56 -11.58 -16.35
N LEU A 331 0.43 -12.76 -16.96
CA LEU A 331 0.07 -12.79 -18.38
C LEU A 331 -1.24 -12.02 -18.69
N PRO A 332 -2.37 -12.45 -18.09
CA PRO A 332 -3.60 -11.70 -18.43
C PRO A 332 -3.54 -10.21 -18.04
N SER A 333 -2.75 -9.84 -17.02
CA SER A 333 -2.55 -8.44 -16.69
C SER A 333 -1.84 -7.65 -17.79
N ALA A 334 -0.72 -8.19 -18.28
CA ALA A 334 0.01 -7.67 -19.46
C ALA A 334 -0.87 -7.63 -20.71
N LEU A 335 -1.76 -8.60 -20.85
CA LEU A 335 -2.53 -8.75 -22.10
C LEU A 335 -3.55 -7.64 -22.38
N GLU A 336 -3.96 -6.89 -21.35
CA GLU A 336 -4.78 -5.71 -21.61
C GLU A 336 -4.05 -4.43 -22.07
N LEU A 337 -2.74 -4.37 -21.87
CA LEU A 337 -1.90 -3.48 -22.68
C LEU A 337 -1.97 -3.83 -24.19
N TYR A 338 -2.03 -5.13 -24.49
CA TYR A 338 -2.07 -5.60 -25.87
C TYR A 338 -3.46 -5.31 -26.48
N ARG A 339 -4.50 -5.69 -25.74
CA ARG A 339 -5.89 -5.44 -26.16
C ARG A 339 -6.18 -3.96 -26.34
N LYS A 340 -5.57 -3.10 -25.53
CA LYS A 340 -5.76 -1.67 -25.67
C LYS A 340 -4.83 -1.02 -26.72
N GLY A 341 -4.10 -1.84 -27.48
CA GLY A 341 -3.25 -1.35 -28.56
C GLY A 341 -2.11 -0.47 -28.10
N ILE A 342 -1.60 -0.75 -26.91
CA ILE A 342 -0.50 -0.03 -26.29
C ILE A 342 0.85 -0.71 -26.65
N ILE A 343 0.89 -2.04 -26.50
CA ILE A 343 2.02 -2.81 -26.99
C ILE A 343 1.60 -3.91 -27.97
N SER A 344 2.51 -4.24 -28.89
CA SER A 344 2.34 -5.39 -29.75
C SER A 344 2.46 -6.66 -28.93
N LEU A 345 2.01 -7.78 -29.51
CA LEU A 345 2.21 -9.09 -28.88
C LEU A 345 3.70 -9.43 -28.77
N LYS A 346 4.47 -9.25 -29.85
CA LYS A 346 5.94 -9.45 -29.83
C LYS A 346 6.61 -8.73 -28.64
N LYS A 347 6.18 -7.48 -28.42
CA LYS A 347 6.75 -6.59 -27.43
C LYS A 347 6.42 -7.15 -26.04
N LEU A 348 5.16 -7.53 -25.85
CA LEU A 348 4.70 -8.24 -24.63
C LEU A 348 5.60 -9.44 -24.33
N ILE A 349 5.85 -10.26 -25.35
CA ILE A 349 6.68 -11.44 -25.20
C ILE A 349 8.13 -11.08 -24.85
N GLU A 350 8.70 -10.08 -25.52
CA GLU A 350 10.08 -9.62 -25.23
C GLU A 350 10.26 -9.38 -23.74
N MET A 351 9.32 -8.64 -23.20
CA MET A 351 9.32 -8.21 -21.82
C MET A 351 9.16 -9.27 -20.75
N PHE A 352 8.75 -10.47 -21.18
CA PHE A 352 8.63 -11.67 -20.36
C PHE A 352 9.80 -12.66 -20.66
N THR A 353 10.59 -12.42 -21.71
CA THR A 353 11.54 -13.46 -22.17
C THR A 353 13.00 -12.98 -22.34
N ILE A 354 13.31 -12.40 -23.49
CA ILE A 354 14.69 -12.03 -23.79
C ILE A 354 15.14 -10.78 -22.99
N ASN A 355 14.21 -9.86 -22.72
CA ASN A 355 14.57 -8.67 -21.95
C ASN A 355 15.02 -9.03 -20.55
N PRO A 356 14.17 -9.74 -19.76
CA PRO A 356 14.65 -10.20 -18.43
C PRO A 356 15.85 -11.15 -18.48
N ALA A 357 15.98 -11.95 -19.55
CA ALA A 357 17.13 -12.86 -19.67
C ALA A 357 18.44 -12.08 -19.78
N ARG A 358 18.42 -11.00 -20.53
CA ARG A 358 19.61 -10.18 -20.66
C ARG A 358 19.96 -9.35 -19.40
N ILE A 359 18.95 -8.98 -18.62
CA ILE A 359 19.17 -8.30 -17.38
C ILE A 359 19.97 -9.14 -16.38
N ILE A 360 19.64 -10.45 -16.30
CA ILE A 360 20.32 -11.35 -15.35
C ILE A 360 21.49 -12.08 -16.01
N GLY A 361 21.68 -11.83 -17.31
CA GLY A 361 22.84 -12.35 -18.04
C GLY A 361 22.76 -13.84 -18.24
N VAL A 362 21.56 -14.34 -18.51
CA VAL A 362 21.38 -15.76 -18.67
C VAL A 362 21.06 -16.03 -20.15
N ASP A 363 21.55 -17.14 -20.70
CA ASP A 363 21.22 -17.51 -22.11
C ASP A 363 19.91 -18.30 -22.21
N LEU A 364 18.80 -17.63 -21.92
CA LEU A 364 17.48 -18.20 -21.95
C LEU A 364 16.60 -17.14 -22.62
N GLY A 365 15.28 -17.31 -22.57
CA GLY A 365 14.38 -16.34 -23.17
C GLY A 365 14.44 -16.37 -24.70
N THR A 366 14.72 -17.56 -25.25
CA THR A 366 15.08 -17.73 -26.66
C THR A 366 14.67 -19.11 -27.18
N LEU A 367 14.42 -19.22 -28.49
CA LEU A 367 14.19 -20.54 -29.09
C LEU A 367 15.27 -20.85 -30.11
N LYS A 368 16.43 -20.19 -29.96
CA LYS A 368 17.63 -20.47 -30.75
C LYS A 368 17.95 -21.97 -30.75
N LEU A 369 18.35 -22.49 -31.90
CA LEU A 369 18.78 -23.88 -32.01
C LEU A 369 19.94 -24.17 -31.03
N GLY A 370 19.75 -25.17 -30.20
CA GLY A 370 20.77 -25.58 -29.25
C GLY A 370 20.47 -25.11 -27.85
N SER A 371 19.53 -24.19 -27.70
CA SER A 371 19.19 -23.63 -26.41
C SER A 371 18.15 -24.53 -25.67
N PRO A 372 18.07 -24.46 -24.34
CA PRO A 372 17.15 -25.38 -23.61
C PRO A 372 15.67 -25.23 -24.04
N ALA A 373 14.92 -26.33 -24.10
CA ALA A 373 13.55 -26.23 -24.56
C ALA A 373 12.61 -25.70 -23.43
N ASP A 374 12.80 -24.42 -23.14
CA ASP A 374 11.92 -23.76 -22.23
C ASP A 374 10.94 -23.02 -23.14
N ILE A 375 9.72 -23.56 -23.23
CA ILE A 375 8.68 -23.07 -24.15
C ILE A 375 7.38 -22.79 -23.39
N THR A 376 6.78 -21.63 -23.64
CA THR A 376 5.41 -21.35 -23.16
C THR A 376 4.32 -21.27 -24.30
N ILE A 377 3.16 -21.88 -24.03
CA ILE A 377 2.06 -21.98 -25.01
C ILE A 377 0.79 -21.33 -24.39
N PHE A 378 0.30 -20.26 -24.99
CA PHE A 378 -0.88 -19.57 -24.42
C PHE A 378 -2.04 -19.19 -25.36
N ASP A 379 -3.19 -18.92 -24.75
CA ASP A 379 -4.41 -18.46 -25.43
C ASP A 379 -4.70 -17.02 -24.97
N PRO A 380 -4.39 -16.02 -25.84
CA PRO A 380 -4.58 -14.62 -25.39
C PRO A 380 -6.04 -14.21 -25.04
N ASN A 381 -7.01 -15.02 -25.47
CA ASN A 381 -8.46 -14.72 -25.34
C ASN A 381 -9.26 -15.57 -24.34
N LYS A 382 -8.63 -16.59 -23.75
CA LYS A 382 -9.35 -17.49 -22.87
C LYS A 382 -9.56 -16.84 -21.50
N GLU A 383 -10.81 -16.89 -21.05
CA GLU A 383 -11.19 -16.33 -19.76
C GLU A 383 -11.11 -17.33 -18.59
N TRP A 384 -10.81 -16.79 -17.41
CA TRP A 384 -10.83 -17.56 -16.16
C TRP A 384 -10.84 -16.60 -14.95
N ILE A 385 -10.90 -17.17 -13.76
CA ILE A 385 -10.89 -16.41 -12.52
C ILE A 385 -9.86 -17.04 -11.57
N LEU A 386 -9.07 -16.19 -10.93
CA LEU A 386 -8.26 -16.61 -9.80
C LEU A 386 -9.13 -16.61 -8.54
N ASN A 387 -9.45 -17.81 -8.08
CA ASN A 387 -10.23 -18.02 -6.87
C ASN A 387 -9.71 -19.28 -6.22
N GLU A 388 -10.47 -19.86 -5.30
CA GLU A 388 -10.08 -21.13 -4.65
C GLU A 388 -9.89 -22.34 -5.59
N GLU A 389 -10.63 -22.37 -6.71
CA GLU A 389 -10.47 -23.48 -7.68
C GLU A 389 -9.16 -23.44 -8.43
N THR A 390 -8.68 -22.22 -8.77
CA THR A 390 -7.53 -22.02 -9.67
C THR A 390 -6.20 -21.55 -9.01
N ASN A 391 -6.26 -21.13 -7.75
CA ASN A 391 -5.11 -20.55 -7.05
C ASN A 391 -4.14 -21.64 -6.61
N LEU A 392 -2.86 -21.47 -7.00
CA LEU A 392 -1.81 -22.44 -6.65
C LEU A 392 -0.87 -21.95 -5.57
N SER A 393 -0.96 -20.65 -5.27
CA SER A 393 -0.23 -20.03 -4.16
C SER A 393 -0.92 -20.45 -2.85
N LYS A 394 -0.16 -20.58 -1.77
CA LYS A 394 -0.78 -20.76 -0.44
C LYS A 394 -1.49 -19.50 0.07
N SER A 395 -1.24 -18.36 -0.60
CA SER A 395 -1.88 -17.09 -0.25
C SER A 395 -2.85 -16.63 -1.36
N ARG A 396 -3.62 -15.56 -1.07
CA ARG A 396 -4.61 -14.99 -2.00
C ARG A 396 -4.52 -13.47 -2.13
N ASN A 397 -3.41 -12.90 -1.69
CA ASN A 397 -3.34 -11.45 -1.57
C ASN A 397 -3.18 -10.69 -2.89
N THR A 398 -4.30 -10.50 -3.59
CA THR A 398 -4.33 -9.71 -4.83
C THR A 398 -5.68 -8.98 -5.02
N PRO A 399 -5.61 -7.69 -5.44
CA PRO A 399 -6.84 -6.99 -5.84
C PRO A 399 -7.59 -7.68 -6.97
N LEU A 400 -6.94 -8.65 -7.66
CA LEU A 400 -7.60 -9.42 -8.77
C LEU A 400 -8.28 -10.67 -8.30
N TRP A 401 -8.26 -10.97 -7.00
CA TRP A 401 -8.99 -12.14 -6.50
C TRP A 401 -10.46 -12.02 -6.91
N GLY A 402 -10.97 -13.03 -7.60
CA GLY A 402 -12.38 -13.09 -8.01
C GLY A 402 -12.77 -12.32 -9.26
N LYS A 403 -11.84 -11.55 -9.84
CA LYS A 403 -12.09 -10.84 -11.13
C LYS A 403 -11.92 -11.79 -12.31
N VAL A 404 -12.62 -11.51 -13.42
CA VAL A 404 -12.49 -12.25 -14.67
C VAL A 404 -11.19 -11.84 -15.35
N LEU A 405 -10.36 -12.82 -15.70
CA LEU A 405 -9.11 -12.55 -16.40
C LEU A 405 -9.20 -13.09 -17.81
N LYS A 406 -8.55 -12.41 -18.75
CA LYS A 406 -8.56 -12.84 -20.15
C LYS A 406 -7.12 -13.06 -20.62
N GLY A 407 -6.85 -14.26 -21.12
CA GLY A 407 -5.49 -14.69 -21.47
C GLY A 407 -4.98 -15.71 -20.47
N LYS A 408 -4.50 -16.84 -20.98
CA LYS A 408 -4.24 -17.98 -20.12
C LYS A 408 -3.22 -18.93 -20.74
N VAL A 409 -2.37 -19.51 -19.87
CA VAL A 409 -1.37 -20.48 -20.26
C VAL A 409 -2.00 -21.87 -20.44
N ILE A 410 -1.75 -22.47 -21.60
CA ILE A 410 -2.25 -23.80 -21.88
C ILE A 410 -1.20 -24.86 -21.57
N TYR A 411 0.04 -24.55 -21.91
CA TYR A 411 1.17 -25.45 -21.64
C TYR A 411 2.40 -24.70 -21.19
N THR A 412 3.18 -25.32 -20.31
CA THR A 412 4.53 -24.83 -19.94
C THR A 412 5.47 -26.02 -20.11
N ILE A 413 6.54 -25.82 -20.88
CA ILE A 413 7.50 -26.88 -21.20
C ILE A 413 8.84 -26.42 -20.68
N LYS A 414 9.44 -27.23 -19.83
CA LYS A 414 10.71 -26.91 -19.23
C LYS A 414 11.70 -28.04 -19.53
N ASP A 415 12.74 -27.68 -20.28
CA ASP A 415 13.72 -28.65 -20.78
C ASP A 415 13.08 -29.83 -21.57
N GLY A 416 12.12 -29.53 -22.44
CA GLY A 416 11.53 -30.57 -23.30
C GLY A 416 10.46 -31.40 -22.62
N LYS A 417 10.28 -31.18 -21.31
CA LYS A 417 9.35 -31.91 -20.50
C LYS A 417 8.13 -31.01 -20.23
N MET A 418 6.93 -31.54 -20.38
CA MET A 418 5.74 -30.74 -20.08
C MET A 418 5.71 -30.61 -18.55
N VAL A 419 5.52 -29.42 -18.02
CA VAL A 419 5.46 -29.28 -16.57
C VAL A 419 4.11 -28.71 -16.08
N TYR A 420 3.39 -28.04 -17.01
CA TYR A 420 2.05 -27.51 -16.72
C TYR A 420 1.14 -27.66 -17.94
N LYS A 421 -0.09 -28.14 -17.69
CA LYS A 421 -1.13 -28.25 -18.69
C LYS A 421 -2.44 -27.62 -18.15
N ASP A 422 -3.07 -26.78 -18.96
CA ASP A 422 -4.36 -26.17 -18.60
C ASP A 422 -5.40 -27.26 -18.30
N MET B 1 -28.22 -3.34 13.89
CA MET B 1 -27.35 -2.48 14.79
C MET B 1 -26.74 -1.28 14.09
N ARG B 2 -27.17 -0.09 14.44
CA ARG B 2 -26.54 1.02 13.80
C ARG B 2 -25.13 1.40 14.49
N SER B 3 -24.14 1.88 13.73
CA SER B 3 -22.86 2.39 14.22
C SER B 3 -22.47 3.80 13.72
N LEU B 4 -21.58 4.49 14.43
CA LEU B 4 -21.03 5.75 13.99
C LEU B 4 -19.49 5.71 14.05
N ILE B 5 -18.91 5.45 12.89
CA ILE B 5 -17.45 5.30 12.75
C ILE B 5 -16.77 6.55 12.16
N SER B 6 -17.41 7.14 11.15
CA SER B 6 -16.84 8.19 10.35
C SER B 6 -17.91 9.23 10.00
N SER B 7 -17.52 10.51 10.04
CA SER B 7 -18.32 11.63 9.51
C SER B 7 -18.60 11.48 8.04
N LEU B 8 -17.71 10.81 7.30
CA LEU B 8 -18.00 10.54 5.88
C LEU B 8 -19.17 9.60 5.62
N ASP B 9 -19.68 8.93 6.64
CA ASP B 9 -20.79 8.01 6.41
C ASP B 9 -22.12 8.69 6.72
N LEU B 10 -22.07 9.90 7.26
CA LEU B 10 -23.32 10.65 7.60
C LEU B 10 -23.96 11.37 6.41
N THR B 11 -25.24 11.18 6.21
CA THR B 11 -25.99 11.97 5.24
C THR B 11 -26.45 13.28 5.90
N ARG B 12 -26.87 14.23 5.06
CA ARG B 12 -27.42 15.49 5.54
C ARG B 12 -28.54 15.28 6.52
N GLU B 13 -29.46 14.41 6.15
CA GLU B 13 -30.63 14.13 6.98
C GLU B 13 -30.21 13.62 8.36
N GLU B 14 -29.22 12.72 8.39
CA GLU B 14 -28.73 12.15 9.62
C GLU B 14 -28.07 13.21 10.51
N VAL B 15 -27.30 14.12 9.91
CA VAL B 15 -26.68 15.22 10.68
C VAL B 15 -27.77 16.16 11.27
N GLU B 16 -28.76 16.49 10.44
CA GLU B 16 -29.92 17.27 10.88
C GLU B 16 -30.64 16.62 12.06
N GLU B 17 -30.83 15.31 11.97
CA GLU B 17 -31.53 14.59 13.02
C GLU B 17 -30.69 14.53 14.30
N ILE B 18 -29.38 14.26 14.20
CA ILE B 18 -28.51 14.28 15.38
C ILE B 18 -28.47 15.66 16.05
N LEU B 19 -28.27 16.71 15.26
CA LEU B 19 -28.21 18.06 15.81
C LEU B 19 -29.53 18.57 16.39
N LYS B 20 -30.66 18.12 15.83
CA LYS B 20 -31.96 18.36 16.43
C LYS B 20 -32.08 17.74 17.83
N TYR B 21 -31.77 16.45 17.97
CA TYR B 21 -31.69 15.81 19.30
C TYR B 21 -30.75 16.48 20.25
N ALA B 22 -29.56 16.88 19.77
CA ALA B 22 -28.57 17.56 20.60
C ALA B 22 -29.14 18.85 21.18
N LYS B 23 -29.88 19.59 20.36
CA LYS B 23 -30.48 20.83 20.82
C LYS B 23 -31.60 20.61 21.83
N GLU B 24 -32.44 19.62 21.59
CA GLU B 24 -33.43 19.20 22.57
C GLU B 24 -32.80 18.79 23.88
N PHE B 25 -31.78 17.92 23.83
CA PHE B 25 -31.01 17.55 25.05
C PHE B 25 -30.36 18.76 25.75
N LYS B 26 -29.81 19.69 24.98
CA LYS B 26 -29.29 20.93 25.58
C LYS B 26 -30.40 21.73 26.30
N GLU B 27 -31.61 21.72 25.73
CA GLU B 27 -32.79 22.43 26.29
C GLU B 27 -33.47 21.64 27.42
N GLY B 28 -32.97 20.47 27.77
CA GLY B 28 -33.50 19.81 28.95
C GLY B 28 -34.33 18.58 28.69
N LYS B 29 -34.36 18.07 27.46
CA LYS B 29 -35.07 16.80 27.15
C LYS B 29 -34.51 15.66 27.98
N GLU B 30 -35.43 14.83 28.46
CA GLU B 30 -35.08 13.64 29.24
C GLU B 30 -35.52 12.40 28.47
N GLU B 31 -34.72 11.36 28.59
CA GLU B 31 -35.01 10.10 27.93
C GLU B 31 -34.30 8.97 28.67
N THR B 32 -34.93 7.79 28.64
CA THR B 32 -34.36 6.58 29.17
C THR B 32 -34.09 5.65 28.00
N ILE B 33 -32.85 5.20 27.91
CA ILE B 33 -32.46 4.17 26.96
C ILE B 33 -32.01 3.01 27.83
N LYS B 34 -32.72 1.89 27.78
CA LYS B 34 -32.41 0.77 28.68
C LYS B 34 -31.34 -0.12 28.00
N ALA B 35 -30.05 0.19 28.26
CA ALA B 35 -28.98 -0.44 27.49
C ALA B 35 -27.75 -0.44 28.36
N SER B 36 -26.76 -1.25 27.99
CA SER B 36 -25.44 -1.17 28.59
C SER B 36 -24.42 -0.67 27.53
N ALA B 37 -23.35 -0.02 27.96
CA ALA B 37 -22.33 0.47 27.04
C ALA B 37 -21.00 0.16 27.68
N VAL B 38 -20.05 -0.32 26.88
CA VAL B 38 -18.69 -0.40 27.34
C VAL B 38 -17.90 0.76 26.72
N LEU B 39 -17.14 1.47 27.56
CA LEU B 39 -16.30 2.60 27.12
C LEU B 39 -14.91 2.01 27.08
N PHE B 40 -14.41 1.78 25.88
CA PHE B 40 -13.19 1.07 25.71
C PHE B 40 -12.15 2.11 25.20
N PHE B 41 -11.41 2.68 26.16
CA PHE B 41 -10.46 3.81 25.99
C PHE B 41 -9.06 3.29 26.13
N SER B 42 -8.65 2.65 25.07
CA SER B 42 -7.34 2.02 24.92
C SER B 42 -6.31 3.16 24.97
N GLU B 43 -6.69 4.25 24.32
CA GLU B 43 -6.00 5.50 24.37
C GLU B 43 -6.82 6.29 25.39
N PRO B 44 -6.19 6.75 26.46
CA PRO B 44 -7.01 7.37 27.45
C PRO B 44 -7.29 8.81 27.02
N SER B 45 -8.46 9.30 27.37
CA SER B 45 -8.77 10.68 27.12
C SER B 45 -9.91 10.89 28.04
N THR B 46 -9.54 11.32 29.24
CA THR B 46 -10.41 11.61 30.33
C THR B 46 -11.57 12.50 29.98
N ARG B 47 -11.30 13.63 29.36
CA ARG B 47 -12.34 14.57 28.99
C ARG B 47 -13.40 13.98 28.08
N THR B 48 -12.97 13.26 27.05
CA THR B 48 -13.89 12.62 26.12
C THR B 48 -14.62 11.46 26.76
N ARG B 49 -13.93 10.61 27.53
CA ARG B 49 -14.53 9.47 28.18
C ARG B 49 -15.61 9.97 29.22
N LEU B 50 -15.29 11.01 30.02
CA LEU B 50 -16.26 11.54 30.99
C LEU B 50 -17.47 12.08 30.29
N SER B 51 -17.28 12.66 29.12
CA SER B 51 -18.38 13.23 28.39
C SER B 51 -19.32 12.14 27.83
N PHE B 52 -18.77 11.10 27.19
CA PHE B 52 -19.55 9.95 26.76
C PHE B 52 -20.18 9.22 27.94
N GLU B 53 -19.47 9.13 29.06
CA GLU B 53 -19.96 8.39 30.22
C GLU B 53 -21.12 9.14 30.86
N LYS B 54 -20.98 10.46 31.04
CA LYS B 54 -22.03 11.25 31.70
C LYS B 54 -23.25 11.38 30.80
N ALA B 55 -23.05 11.56 29.50
CA ALA B 55 -24.12 11.48 28.49
C ALA B 55 -24.89 10.16 28.63
N ALA B 56 -24.18 9.04 28.72
CA ALA B 56 -24.82 7.72 28.74
C ALA B 56 -25.60 7.54 30.03
N ARG B 57 -24.99 7.88 31.16
CA ARG B 57 -25.61 7.72 32.48
C ARG B 57 -26.85 8.58 32.66
N GLU B 58 -26.84 9.78 32.09
CA GLU B 58 -28.01 10.63 32.19
C GLU B 58 -29.16 10.12 31.33
N LEU B 59 -28.87 9.22 30.41
CA LEU B 59 -29.91 8.55 29.64
C LEU B 59 -30.30 7.20 30.25
N GLY B 60 -29.68 6.83 31.38
CA GLY B 60 -30.02 5.58 32.10
C GLY B 60 -29.26 4.40 31.54
N ILE B 61 -28.28 4.65 30.66
CA ILE B 61 -27.48 3.58 30.12
C ILE B 61 -26.42 3.21 31.22
N GLU B 62 -26.27 1.92 31.50
CA GLU B 62 -25.25 1.41 32.40
C GLU B 62 -23.92 1.37 31.66
N THR B 63 -22.91 2.00 32.25
CA THR B 63 -21.63 2.18 31.63
C THR B 63 -20.58 1.40 32.35
N TYR B 64 -19.61 0.89 31.57
CA TYR B 64 -18.56 0.03 32.06
C TYR B 64 -17.34 0.61 31.44
N LEU B 65 -16.25 0.66 32.16
CA LEU B 65 -15.09 1.36 31.62
C LEU B 65 -13.88 0.45 31.52
N VAL B 66 -13.26 0.43 30.35
CA VAL B 66 -11.96 -0.25 30.16
C VAL B 66 -10.98 0.86 29.74
N SER B 67 -10.00 1.14 30.57
CA SER B 67 -9.19 2.35 30.38
C SER B 67 -7.71 2.07 30.47
N GLY B 68 -6.96 2.63 29.51
CA GLY B 68 -5.56 2.24 29.25
C GLY B 68 -5.56 0.95 28.43
N SER B 69 -6.76 0.42 28.14
CA SER B 69 -7.06 -0.97 27.71
C SER B 69 -6.85 -1.89 28.95
N GLU B 70 -6.62 -1.17 30.07
CA GLU B 70 -6.15 -1.70 31.34
C GLU B 70 -4.84 -2.48 31.08
N SER B 71 -3.80 -1.67 30.80
CA SER B 71 -2.45 -2.12 30.44
C SER B 71 -2.39 -2.57 28.96
N SER B 72 -3.17 -1.89 28.12
CA SER B 72 -3.33 -2.13 26.65
C SER B 72 -3.21 -3.60 26.12
N THR B 73 -2.58 -3.70 24.94
CA THR B 73 -1.75 -4.86 24.48
C THR B 73 -2.03 -6.30 24.99
N VAL B 74 -3.23 -6.86 24.78
CA VAL B 74 -3.35 -8.33 24.95
C VAL B 74 -2.72 -9.01 23.72
N LYS B 75 -1.54 -9.59 23.93
CA LYS B 75 -0.78 -10.20 22.84
C LYS B 75 -1.49 -11.45 22.26
N GLY B 76 -1.57 -11.46 20.93
CA GLY B 76 -2.32 -12.48 20.20
C GLY B 76 -3.78 -12.12 19.99
N GLU B 77 -4.32 -11.15 20.76
CA GLU B 77 -5.78 -10.74 20.72
C GLU B 77 -6.04 -9.52 19.82
N SER B 78 -6.86 -9.72 18.83
CA SER B 78 -7.16 -8.61 17.95
C SER B 78 -8.20 -7.66 18.55
N PHE B 79 -8.32 -6.50 17.94
CA PHE B 79 -9.41 -5.60 18.14
C PHE B 79 -10.76 -6.26 17.88
N PHE B 80 -10.87 -7.01 16.79
CA PHE B 80 -12.04 -7.82 16.50
C PHE B 80 -12.44 -8.76 17.64
N ASP B 81 -11.49 -9.52 18.19
CA ASP B 81 -11.74 -10.45 19.30
C ASP B 81 -12.25 -9.74 20.55
N THR B 82 -11.69 -8.56 20.81
CA THR B 82 -12.14 -7.72 21.91
C THR B 82 -13.59 -7.30 21.68
N LEU B 83 -13.92 -6.84 20.48
CA LEU B 83 -15.29 -6.42 20.18
C LEU B 83 -16.25 -7.62 20.30
N LYS B 84 -15.82 -8.76 19.79
CA LYS B 84 -16.57 -9.99 19.79
C LYS B 84 -16.78 -10.50 21.23
N THR B 85 -15.80 -10.26 22.11
CA THR B 85 -16.01 -10.50 23.52
C THR B 85 -17.08 -9.58 24.11
N PHE B 86 -17.07 -8.31 23.74
CA PHE B 86 -18.10 -7.40 24.18
C PHE B 86 -19.45 -7.84 23.72
N GLU B 87 -19.56 -8.31 22.48
CA GLU B 87 -20.80 -8.81 21.99
C GLU B 87 -21.26 -10.02 22.83
N GLY B 88 -20.35 -10.94 23.13
CA GLY B 88 -20.67 -12.10 23.95
C GLY B 88 -21.09 -11.76 25.37
N LEU B 89 -20.56 -10.66 25.91
CA LEU B 89 -20.93 -10.16 27.21
C LEU B 89 -22.25 -9.40 27.13
N GLY B 90 -22.78 -9.21 25.91
CA GLY B 90 -24.15 -8.65 25.83
C GLY B 90 -24.21 -7.09 25.88
N PHE B 91 -23.10 -6.40 25.62
CA PHE B 91 -23.14 -4.95 25.61
C PHE B 91 -23.95 -4.49 24.41
N ASP B 92 -24.72 -3.41 24.56
CA ASP B 92 -25.44 -2.84 23.40
C ASP B 92 -24.57 -1.90 22.61
N TYR B 93 -23.78 -1.10 23.32
CA TYR B 93 -22.87 -0.12 22.70
C TYR B 93 -21.46 -0.38 23.11
N VAL B 94 -20.54 -0.12 22.17
CA VAL B 94 -19.12 -0.03 22.41
C VAL B 94 -18.67 1.33 21.94
N VAL B 95 -18.24 2.17 22.89
CA VAL B 95 -17.57 3.45 22.60
C VAL B 95 -16.07 3.26 22.66
N PHE B 96 -15.37 3.37 21.54
CA PHE B 96 -13.98 2.96 21.56
C PHE B 96 -13.07 4.10 21.17
N ARG B 97 -11.93 4.19 21.86
CA ARG B 97 -10.89 5.12 21.45
C ARG B 97 -9.59 4.33 21.37
N VAL B 98 -8.97 4.29 20.19
CA VAL B 98 -7.85 3.42 19.93
C VAL B 98 -6.70 4.19 19.27
N PRO B 99 -5.43 3.77 19.51
CA PRO B 99 -4.35 4.55 18.91
C PRO B 99 -4.02 4.20 17.45
N PHE B 100 -4.79 3.32 16.82
CA PHE B 100 -4.59 2.97 15.44
C PHE B 100 -5.79 3.40 14.58
N VAL B 101 -5.57 3.42 13.28
CA VAL B 101 -6.58 3.73 12.28
C VAL B 101 -7.41 2.46 12.00
N PHE B 102 -8.70 2.55 12.26
CA PHE B 102 -9.62 1.42 12.14
C PHE B 102 -10.18 1.46 10.71
N PHE B 103 -9.45 0.79 9.82
CA PHE B 103 -9.73 0.84 8.40
C PHE B 103 -9.03 -0.34 7.71
N PRO B 104 -9.78 -1.11 6.84
CA PRO B 104 -11.24 -0.92 6.61
C PRO B 104 -12.10 -1.33 7.82
N TYR B 105 -13.29 -0.78 7.93
CA TYR B 105 -14.15 -1.06 9.06
C TYR B 105 -15.53 -1.59 8.62
N LYS B 106 -16.00 -1.27 7.40
CA LYS B 106 -17.38 -1.61 7.00
C LYS B 106 -17.77 -3.05 7.27
N GLU B 107 -16.99 -3.98 6.73
CA GLU B 107 -17.29 -5.39 6.88
C GLU B 107 -17.17 -5.89 8.34
N ILE B 108 -16.24 -5.37 9.13
CA ILE B 108 -16.17 -5.76 10.55
C ILE B 108 -17.40 -5.31 11.33
N VAL B 109 -17.83 -4.08 11.07
CA VAL B 109 -18.95 -3.49 11.74
C VAL B 109 -20.21 -4.31 11.40
N LYS B 110 -20.33 -4.71 10.14
CA LYS B 110 -21.45 -5.48 9.68
C LYS B 110 -21.52 -6.85 10.40
N SER B 111 -20.37 -7.39 10.78
CA SER B 111 -20.36 -8.72 11.34
C SER B 111 -20.66 -8.79 12.85
N LEU B 112 -20.96 -7.64 13.46
CA LEU B 112 -21.08 -7.54 14.93
C LEU B 112 -22.45 -7.04 15.34
N ASN B 113 -23.03 -7.69 16.32
CA ASN B 113 -24.31 -7.23 16.88
C ASN B 113 -24.08 -6.22 17.99
N LEU B 114 -23.58 -5.04 17.61
CA LEU B 114 -23.12 -3.98 18.55
C LEU B 114 -23.37 -2.65 17.89
N ARG B 115 -23.69 -1.63 18.68
CA ARG B 115 -23.69 -0.22 18.22
C ARG B 115 -22.33 0.40 18.58
N LEU B 116 -21.49 0.56 17.55
CA LEU B 116 -20.12 1.02 17.71
C LEU B 116 -20.04 2.51 17.58
N VAL B 117 -19.41 3.17 18.56
CA VAL B 117 -19.23 4.58 18.50
C VAL B 117 -17.74 4.86 18.56
N ASN B 118 -17.20 5.41 17.47
CA ASN B 118 -15.82 5.78 17.38
C ASN B 118 -15.57 7.08 18.15
N ALA B 119 -14.82 6.96 19.26
CA ALA B 119 -14.46 8.10 20.09
C ALA B 119 -13.01 8.60 19.73
N GLY B 120 -12.47 8.06 18.63
CA GLY B 120 -11.19 8.51 18.10
C GLY B 120 -10.36 7.28 17.72
N ASP B 121 -9.95 7.19 16.44
CA ASP B 121 -9.12 6.06 16.01
C ASP B 121 -7.90 6.62 15.30
N GLY B 122 -6.81 6.73 16.06
CA GLY B 122 -5.57 7.25 15.57
C GLY B 122 -5.83 8.63 14.98
N THR B 123 -5.45 8.73 13.74
CA THR B 123 -5.30 9.95 13.02
C THR B 123 -6.44 10.02 11.99
N HIS B 124 -7.38 9.10 12.13
CA HIS B 124 -8.47 8.89 11.16
C HIS B 124 -9.74 9.73 11.48
N GLN B 125 -10.54 9.32 12.50
CA GLN B 125 -11.85 9.93 12.70
C GLN B 125 -12.14 10.15 14.18
N HIS B 126 -12.97 11.17 14.42
CA HIS B 126 -13.50 11.44 15.73
C HIS B 126 -14.88 12.08 15.51
N PRO B 127 -15.86 11.31 15.04
CA PRO B 127 -17.12 11.93 14.58
C PRO B 127 -17.83 12.79 15.59
N SER B 128 -17.89 12.38 16.87
CA SER B 128 -18.58 13.21 17.85
C SER B 128 -17.88 14.54 18.04
N GLN B 129 -16.56 14.61 17.91
CA GLN B 129 -15.91 15.93 18.07
C GLN B 129 -16.23 16.86 16.88
N GLY B 130 -16.27 16.27 15.68
CA GLY B 130 -16.71 16.95 14.46
C GLY B 130 -18.09 17.56 14.64
N LEU B 131 -19.04 16.76 15.09
CA LEU B 131 -20.39 17.19 15.36
C LEU B 131 -20.50 18.23 16.47
N ILE B 132 -19.74 18.05 17.52
CA ILE B 132 -19.71 19.02 18.60
C ILE B 132 -19.21 20.37 18.07
N ASP B 133 -18.13 20.38 17.31
CA ASP B 133 -17.59 21.60 16.75
C ASP B 133 -18.62 22.24 15.78
N PHE B 134 -19.26 21.42 14.96
CA PHE B 134 -20.28 21.89 14.03
C PHE B 134 -21.45 22.53 14.81
N PHE B 135 -21.92 21.79 15.82
CA PHE B 135 -23.02 22.25 16.67
C PHE B 135 -22.69 23.56 17.37
N THR B 136 -21.47 23.66 17.88
CA THR B 136 -21.06 24.88 18.59
C THR B 136 -21.07 26.14 17.69
N ILE B 137 -20.57 25.95 16.46
CA ILE B 137 -20.47 26.99 15.46
C ILE B 137 -21.91 27.36 15.09
N LYS B 138 -22.74 26.35 14.88
CA LYS B 138 -24.12 26.55 14.45
C LYS B 138 -24.94 27.27 15.54
N GLU B 139 -24.71 26.88 16.80
CA GLU B 139 -25.38 27.55 17.95
C GLU B 139 -25.05 29.02 17.97
N HIS B 140 -23.80 29.37 17.63
CA HIS B 140 -23.38 30.74 17.64
C HIS B 140 -23.92 31.60 16.46
N PHE B 141 -23.84 31.07 15.25
CA PHE B 141 -24.16 31.81 14.06
C PHE B 141 -25.56 31.49 13.52
N GLY B 142 -26.22 30.43 13.99
CA GLY B 142 -27.55 30.07 13.44
C GLY B 142 -27.47 29.01 12.34
N GLU B 143 -26.54 29.22 11.39
CA GLU B 143 -26.32 28.43 10.18
C GLU B 143 -24.81 28.36 10.00
N VAL B 144 -24.29 27.33 9.35
CA VAL B 144 -22.85 27.33 9.06
C VAL B 144 -22.56 27.78 7.60
N LYS B 145 -23.59 27.76 6.77
CA LYS B 145 -23.48 28.14 5.38
C LYS B 145 -22.70 29.45 5.18
N ASP B 146 -21.69 29.39 4.31
CA ASP B 146 -20.91 30.56 3.90
C ASP B 146 -19.87 31.03 4.95
N LEU B 147 -19.87 30.42 6.14
CA LEU B 147 -18.84 30.73 7.16
C LEU B 147 -17.49 30.30 6.69
N ARG B 148 -16.49 31.07 7.08
CA ARG B 148 -15.09 30.81 6.84
C ARG B 148 -14.50 30.29 8.10
N VAL B 149 -14.24 28.98 8.10
CA VAL B 149 -13.75 28.26 9.28
C VAL B 149 -12.30 27.86 9.05
N LEU B 150 -11.40 28.41 9.89
CA LEU B 150 -9.95 28.16 9.80
C LEU B 150 -9.50 27.15 10.86
N TYR B 151 -8.84 26.08 10.45
CA TYR B 151 -8.22 25.14 11.37
C TYR B 151 -6.76 25.46 11.34
N VAL B 152 -6.19 25.58 12.52
CA VAL B 152 -4.79 25.89 12.67
C VAL B 152 -4.10 24.78 13.43
N GLY B 153 -3.06 24.22 12.79
CA GLY B 153 -2.10 23.38 13.48
C GLY B 153 -1.73 22.14 12.71
N ASP B 154 -1.72 21.04 13.43
CA ASP B 154 -1.29 19.75 12.88
C ASP B 154 -2.45 19.09 12.14
N ILE B 155 -2.73 19.57 10.92
CA ILE B 155 -3.82 19.01 10.10
C ILE B 155 -3.56 17.53 9.74
N LYS B 156 -2.35 17.20 9.31
CA LYS B 156 -1.96 15.84 8.94
C LYS B 156 -2.40 14.73 9.94
N HIS B 157 -2.30 15.01 11.26
CA HIS B 157 -2.53 14.00 12.31
C HIS B 157 -3.89 14.18 12.95
N SER B 158 -4.73 14.99 12.34
CA SER B 158 -5.92 15.45 13.01
C SER B 158 -7.19 14.69 12.63
N ARG B 159 -7.65 13.83 13.51
CA ARG B 159 -8.93 13.12 13.33
C ARG B 159 -10.12 14.07 13.58
N VAL B 160 -9.92 15.09 14.42
CA VAL B 160 -10.95 16.12 14.65
C VAL B 160 -11.23 16.95 13.37
N PHE B 161 -10.18 17.36 12.68
CA PHE B 161 -10.32 18.04 11.40
C PHE B 161 -10.99 17.13 10.37
N ARG B 162 -10.56 15.85 10.33
CA ARG B 162 -11.16 14.91 9.36
C ARG B 162 -12.63 14.61 9.61
N SER B 163 -13.07 14.75 10.86
CA SER B 163 -14.47 14.62 11.22
C SER B 163 -15.29 15.90 11.05
N GLY B 164 -14.70 17.07 11.30
CA GLY B 164 -15.45 18.33 11.17
C GLY B 164 -15.55 18.94 9.82
N ALA B 165 -14.44 18.93 9.10
CA ALA B 165 -14.36 19.56 7.78
C ALA B 165 -15.45 19.03 6.81
N PRO B 166 -15.59 17.69 6.66
CA PRO B 166 -16.65 17.22 5.79
C PRO B 166 -18.11 17.57 6.17
N LEU B 167 -18.40 17.61 7.48
CA LEU B 167 -19.66 18.12 7.95
C LEU B 167 -19.90 19.59 7.59
N LEU B 168 -18.90 20.45 7.84
CA LEU B 168 -19.01 21.85 7.53
C LEU B 168 -19.16 22.05 6.03
N ASN B 169 -18.38 21.29 5.24
CA ASN B 169 -18.50 21.33 3.77
C ASN B 169 -19.87 20.97 3.25
N MET B 170 -20.44 19.91 3.84
CA MET B 170 -21.73 19.39 3.45
C MET B 170 -22.81 20.46 3.63
N PHE B 171 -22.63 21.35 4.59
CA PHE B 171 -23.62 22.38 4.83
C PHE B 171 -23.19 23.77 4.34
N GLY B 172 -22.19 23.86 3.46
CA GLY B 172 -21.89 25.10 2.70
C GLY B 172 -20.89 26.05 3.34
N ALA B 173 -20.24 25.65 4.43
CA ALA B 173 -19.16 26.45 5.01
C ALA B 173 -17.92 26.31 4.14
N LYS B 174 -16.97 27.23 4.31
CA LYS B 174 -15.71 27.21 3.59
C LYS B 174 -14.60 26.90 4.59
N ILE B 175 -13.79 25.85 4.34
CA ILE B 175 -12.69 25.46 5.22
C ILE B 175 -11.35 26.07 4.82
N GLY B 176 -10.58 26.55 5.79
CA GLY B 176 -9.21 26.94 5.58
C GLY B 176 -8.37 26.16 6.56
N VAL B 177 -7.11 25.97 6.19
CA VAL B 177 -6.10 25.40 7.09
C VAL B 177 -4.86 26.31 7.08
N CYS B 178 -4.16 26.30 8.21
CA CYS B 178 -2.92 27.01 8.36
C CYS B 178 -2.13 26.18 9.39
N GLY B 179 -0.86 25.89 9.11
CA GLY B 179 -0.04 25.22 10.11
C GLY B 179 1.33 25.10 9.54
N PRO B 180 2.23 24.48 10.31
CA PRO B 180 3.55 24.16 9.72
C PRO B 180 3.33 23.41 8.43
N LYS B 181 4.03 23.82 7.40
CA LYS B 181 3.84 23.21 6.08
C LYS B 181 4.15 21.69 6.09
N THR B 182 5.07 21.28 6.96
CA THR B 182 5.38 19.88 7.23
C THR B 182 4.18 19.07 7.74
N LEU B 183 3.13 19.75 8.23
CA LEU B 183 1.94 19.11 8.86
C LEU B 183 0.66 19.33 8.04
N ILE B 184 0.77 19.81 6.80
CA ILE B 184 -0.36 19.98 5.91
C ILE B 184 -0.24 18.87 4.85
N PRO B 185 -1.26 17.95 4.75
CA PRO B 185 -1.17 16.91 3.72
C PRO B 185 -1.06 17.52 2.36
N ARG B 186 -0.23 16.93 1.49
CA ARG B 186 -0.05 17.45 0.11
C ARG B 186 -1.34 17.48 -0.71
N ASP B 187 -2.24 16.53 -0.43
CA ASP B 187 -3.55 16.43 -1.11
C ASP B 187 -4.68 16.82 -0.20
N VAL B 188 -4.43 17.83 0.63
CA VAL B 188 -5.41 18.37 1.56
C VAL B 188 -6.59 18.95 0.76
N GLU B 189 -6.39 19.18 -0.53
CA GLU B 189 -7.46 19.53 -1.47
C GLU B 189 -8.63 18.52 -1.46
N VAL B 190 -8.39 17.26 -1.07
CA VAL B 190 -9.53 16.33 -0.87
C VAL B 190 -10.62 16.87 0.06
N PHE B 191 -10.25 17.77 0.96
CA PHE B 191 -11.22 18.42 1.84
C PHE B 191 -11.71 19.78 1.35
N LYS B 192 -11.23 20.22 0.19
CA LYS B 192 -11.77 21.42 -0.47
C LYS B 192 -11.50 22.70 0.35
N VAL B 193 -10.23 22.91 0.63
CA VAL B 193 -9.75 23.80 1.65
C VAL B 193 -8.99 25.00 1.01
N ASP B 194 -9.01 26.20 1.60
CA ASP B 194 -8.05 27.26 1.30
C ASP B 194 -6.84 27.00 2.20
N VAL B 195 -5.64 27.30 1.72
CA VAL B 195 -4.43 27.01 2.47
C VAL B 195 -3.80 28.35 2.70
N PHE B 196 -3.54 28.70 3.96
CA PHE B 196 -2.83 29.92 4.24
C PHE B 196 -1.45 29.53 4.76
N ASP B 197 -0.43 30.16 4.21
CA ASP B 197 0.95 30.10 4.75
C ASP B 197 1.13 30.85 6.04
N ASP B 198 0.39 31.94 6.20
CA ASP B 198 0.60 32.88 7.26
C ASP B 198 -0.68 32.92 8.12
N VAL B 199 -0.54 32.71 9.42
CA VAL B 199 -1.73 32.58 10.29
C VAL B 199 -2.46 33.89 10.44
N ASP B 200 -1.76 35.03 10.34
CA ASP B 200 -2.38 36.36 10.35
C ASP B 200 -3.32 36.59 9.20
N LYS B 201 -2.94 36.15 8.01
CA LYS B 201 -3.83 36.23 6.85
C LYS B 201 -5.02 35.30 7.08
N GLY B 202 -4.76 34.13 7.69
CA GLY B 202 -5.79 33.18 7.99
C GLY B 202 -6.77 33.76 9.00
N ILE B 203 -6.26 34.42 10.03
CA ILE B 203 -7.11 35.06 11.05
C ILE B 203 -7.99 36.18 10.49
N ASP B 204 -7.45 36.98 9.57
CA ASP B 204 -8.22 38.03 8.94
C ASP B 204 -9.39 37.46 8.13
N TRP B 205 -9.18 36.33 7.46
CA TRP B 205 -10.21 35.71 6.61
C TRP B 205 -11.30 35.04 7.44
N ALA B 206 -10.90 34.47 8.57
CA ALA B 206 -11.79 33.57 9.34
C ALA B 206 -12.91 34.24 10.16
N ASP B 207 -14.10 33.65 10.13
CA ASP B 207 -15.16 33.94 11.09
C ASP B 207 -14.91 33.31 12.43
N VAL B 208 -14.30 32.13 12.38
CA VAL B 208 -13.99 31.35 13.53
C VAL B 208 -12.71 30.51 13.23
N VAL B 209 -11.82 30.48 14.22
CA VAL B 209 -10.57 29.73 14.13
C VAL B 209 -10.60 28.61 15.13
N ILE B 210 -10.23 27.41 14.68
CA ILE B 210 -10.17 26.23 15.52
C ILE B 210 -8.70 25.85 15.64
N TRP B 211 -8.08 26.17 16.78
CA TRP B 211 -6.73 25.77 17.14
C TRP B 211 -6.79 24.29 17.52
N LEU B 212 -5.96 23.50 16.86
CA LEU B 212 -5.80 22.08 17.09
C LEU B 212 -4.64 21.88 18.03
N ARG B 213 -4.76 20.91 18.93
CA ARG B 213 -3.73 20.71 19.91
C ARG B 213 -2.38 20.32 19.29
N LEU B 214 -1.35 21.07 19.62
CA LEU B 214 -0.05 20.71 19.16
C LEU B 214 0.55 19.68 20.16
N GLN B 215 0.89 18.48 19.68
CA GLN B 215 1.61 17.45 20.52
C GLN B 215 3.11 17.67 20.56
N LYS B 216 3.67 17.71 21.77
CA LYS B 216 5.14 17.87 21.95
C LYS B 216 6.03 16.93 21.07
N GLU B 217 5.60 15.67 20.89
CA GLU B 217 6.13 14.71 19.89
C GLU B 217 6.54 15.27 18.51
N ARG B 218 5.77 16.23 17.99
CA ARG B 218 6.02 16.84 16.69
C ARG B 218 7.36 17.55 16.62
N GLN B 219 7.85 18.02 17.76
CA GLN B 219 9.16 18.69 17.81
C GLN B 219 10.32 17.70 17.57
N LYS B 220 10.31 16.58 18.32
CA LYS B 220 11.27 15.47 18.17
C LYS B 220 11.20 14.83 16.78
N GLU B 221 10.00 14.85 16.15
CA GLU B 221 9.81 14.34 14.82
C GLU B 221 10.27 15.34 13.75
N ASN B 222 10.70 16.52 14.18
CA ASN B 222 11.27 17.56 13.27
C ASN B 222 10.27 18.29 12.40
N TYR B 223 9.00 18.20 12.76
CA TYR B 223 7.96 18.92 12.04
C TYR B 223 7.99 20.38 12.44
N ILE B 224 8.42 20.64 13.68
CA ILE B 224 8.56 22.02 14.22
C ILE B 224 9.88 22.11 14.95
N PRO B 225 10.49 23.33 14.99
CA PRO B 225 11.74 23.44 15.77
C PRO B 225 11.56 23.46 17.30
N SER B 226 10.47 24.04 17.77
CA SER B 226 10.17 24.11 19.20
C SER B 226 8.72 24.57 19.36
N GLU B 227 8.14 24.29 20.52
CA GLU B 227 6.83 24.71 20.92
C GLU B 227 6.69 26.22 21.02
N SER B 228 7.69 26.89 21.56
CA SER B 228 7.61 28.36 21.68
C SER B 228 7.74 29.11 20.35
N SER B 229 8.48 28.55 19.40
CA SER B 229 8.49 29.11 18.05
C SER B 229 7.17 28.84 17.34
N TYR B 230 6.62 27.64 17.52
CA TYR B 230 5.29 27.32 17.00
C TYR B 230 4.22 28.30 17.49
N PHE B 231 4.25 28.62 18.78
CA PHE B 231 3.35 29.61 19.38
C PHE B 231 3.51 30.92 18.66
N LYS B 232 4.75 31.38 18.47
CA LYS B 232 5.00 32.65 17.79
C LYS B 232 4.48 32.64 16.36
N GLN B 233 4.67 31.54 15.65
CA GLN B 233 4.28 31.49 14.24
C GLN B 233 2.75 31.25 13.98
N PHE B 234 2.11 30.44 14.84
CA PHE B 234 0.78 29.87 14.60
C PHE B 234 -0.17 30.02 15.77
N GLY B 235 0.32 30.30 16.97
CA GLY B 235 -0.58 30.25 18.15
C GLY B 235 -1.46 31.48 18.32
N LEU B 236 -2.48 31.36 19.17
CA LEU B 236 -3.24 32.56 19.52
C LEU B 236 -2.51 33.38 20.59
N THR B 237 -1.75 34.37 20.14
CA THR B 237 -1.02 35.27 21.00
C THR B 237 -1.89 36.45 21.40
N LYS B 238 -1.42 37.23 22.37
CA LYS B 238 -2.14 38.44 22.78
C LYS B 238 -2.33 39.47 21.66
N GLU B 239 -1.33 39.64 20.78
CA GLU B 239 -1.40 40.53 19.62
C GLU B 239 -2.43 40.04 18.61
N ARG B 240 -2.50 38.72 18.41
CA ARG B 240 -3.48 38.14 17.48
C ARG B 240 -4.89 38.23 18.01
N PHE B 241 -5.03 38.25 19.34
CA PHE B 241 -6.35 38.33 20.00
C PHE B 241 -7.19 39.51 19.54
N GLU B 242 -6.56 40.66 19.33
CA GLU B 242 -7.27 41.84 18.85
C GLU B 242 -7.89 41.59 17.46
N LYS B 243 -7.26 40.75 16.64
CA LYS B 243 -7.74 40.52 15.30
C LYS B 243 -8.69 39.34 15.13
N VAL B 244 -8.59 38.36 15.99
CA VAL B 244 -9.37 37.15 15.89
C VAL B 244 -10.87 37.51 16.13
N LYS B 245 -11.76 37.01 15.29
CA LYS B 245 -13.20 37.19 15.57
C LYS B 245 -13.74 36.27 16.71
N LEU B 246 -13.37 34.99 16.67
CA LEU B 246 -13.98 34.00 17.51
C LEU B 246 -13.11 32.78 17.36
N TYR B 247 -12.98 31.98 18.40
CA TYR B 247 -12.13 30.83 18.30
C TYR B 247 -12.54 29.66 19.17
N MET B 248 -12.07 28.47 18.77
CA MET B 248 -12.34 27.21 19.46
C MET B 248 -11.07 26.41 19.60
N HIS B 249 -11.12 25.28 20.33
CA HIS B 249 -9.95 24.41 20.59
C HIS B 249 -10.64 23.14 21.16
N PRO B 250 -10.87 22.09 20.34
CA PRO B 250 -11.12 20.70 20.71
C PRO B 250 -10.45 20.04 21.95
N GLY B 251 -9.19 19.74 21.95
CA GLY B 251 -8.78 18.92 23.15
C GLY B 251 -8.50 19.89 24.29
N PRO B 252 -7.70 19.42 25.26
CA PRO B 252 -7.15 20.30 26.26
C PRO B 252 -6.10 21.24 25.61
N VAL B 253 -6.09 22.48 26.04
CA VAL B 253 -5.24 23.49 25.50
C VAL B 253 -3.80 23.23 25.95
N ASN B 254 -2.86 23.38 25.03
CA ASN B 254 -1.44 23.33 25.34
C ASN B 254 -1.12 24.82 25.51
N ARG B 255 -1.17 25.31 26.74
CA ARG B 255 -1.05 26.74 27.01
C ARG B 255 0.29 27.33 26.58
N ASN B 256 0.24 28.52 25.98
CA ASN B 256 1.41 29.18 25.38
C ASN B 256 2.10 28.39 24.29
N VAL B 257 1.37 27.43 23.70
CA VAL B 257 1.76 26.70 22.49
C VAL B 257 0.66 26.88 21.39
N ASP B 258 -0.54 26.40 21.67
CA ASP B 258 -1.74 26.67 20.88
C ASP B 258 -2.32 28.07 21.12
N ILE B 259 -2.56 28.42 22.40
CA ILE B 259 -3.33 29.59 22.82
C ILE B 259 -2.64 30.19 24.05
N ASP B 260 -2.55 31.52 24.09
CA ASP B 260 -1.97 32.20 25.23
C ASP B 260 -2.73 31.81 26.50
N HIS B 261 -2.00 31.62 27.62
CA HIS B 261 -2.58 31.17 28.89
C HIS B 261 -3.73 32.08 29.36
N GLU B 262 -3.67 33.39 29.04
CA GLU B 262 -4.76 34.33 29.37
C GLU B 262 -5.97 34.30 28.41
N LEU B 263 -5.89 33.51 27.34
CA LEU B 263 -6.88 33.69 26.26
C LEU B 263 -7.83 32.51 26.10
N VAL B 264 -7.83 31.63 27.08
CA VAL B 264 -8.63 30.39 27.00
C VAL B 264 -10.13 30.69 27.27
N TYR B 265 -10.40 31.57 28.24
CA TYR B 265 -11.74 31.98 28.66
C TYR B 265 -11.84 33.47 28.44
N THR B 266 -12.42 33.84 27.32
CA THR B 266 -12.63 35.26 26.97
C THR B 266 -14.01 35.29 26.32
N GLU B 267 -14.51 36.49 26.12
CA GLU B 267 -15.71 36.65 25.34
C GLU B 267 -15.57 36.22 23.88
N LYS B 268 -14.36 36.08 23.33
CA LYS B 268 -14.26 35.54 21.94
C LYS B 268 -14.10 34.02 21.89
N SER B 269 -14.01 33.36 23.04
CA SER B 269 -13.70 31.96 23.11
C SER B 269 -14.95 31.09 23.21
N LEU B 270 -15.04 30.09 22.33
CA LEU B 270 -16.11 29.09 22.41
C LEU B 270 -15.58 27.78 22.96
N ILE B 271 -14.40 27.82 23.58
CA ILE B 271 -13.74 26.62 24.11
C ILE B 271 -14.58 25.95 25.19
N GLN B 272 -15.05 26.75 26.16
CA GLN B 272 -15.90 26.21 27.21
C GLN B 272 -17.29 25.78 26.63
N GLU B 273 -17.80 26.46 25.60
CA GLU B 273 -19.02 26.00 24.93
C GLU B 273 -18.92 24.63 24.32
N GLN B 274 -17.79 24.33 23.67
CA GLN B 274 -17.58 22.98 23.16
C GLN B 274 -17.61 21.95 24.28
N VAL B 275 -17.06 22.27 25.46
CA VAL B 275 -17.09 21.32 26.58
C VAL B 275 -18.54 21.08 27.00
N LYS B 276 -19.26 22.17 27.17
CA LYS B 276 -20.71 22.15 27.44
C LYS B 276 -21.57 21.43 26.41
N ASN B 277 -21.25 21.56 25.13
CA ASN B 277 -22.06 20.91 24.07
C ASN B 277 -21.73 19.45 23.87
N GLY B 278 -20.63 18.95 24.44
CA GLY B 278 -20.30 17.53 24.28
C GLY B 278 -21.29 16.51 24.81
N ILE B 279 -21.81 16.72 26.01
CA ILE B 279 -22.82 15.84 26.56
C ILE B 279 -24.12 15.80 25.71
N PRO B 280 -24.75 16.97 25.44
CA PRO B 280 -25.94 16.93 24.56
C PRO B 280 -25.71 16.31 23.16
N VAL B 281 -24.55 16.55 22.52
CA VAL B 281 -24.28 15.89 21.25
C VAL B 281 -24.08 14.37 21.41
N ARG B 282 -23.40 13.96 22.45
CA ARG B 282 -23.20 12.54 22.65
C ARG B 282 -24.46 11.80 23.11
N LYS B 283 -25.33 12.45 23.89
CA LYS B 283 -26.68 11.91 24.12
C LYS B 283 -27.45 11.68 22.81
N ALA B 284 -27.38 12.67 21.90
CA ALA B 284 -28.01 12.61 20.57
C ALA B 284 -27.49 11.46 19.72
N ILE B 285 -26.18 11.18 19.82
CA ILE B 285 -25.59 10.03 19.15
C ILE B 285 -26.10 8.66 19.72
N TYR B 286 -26.12 8.53 21.04
CA TYR B 286 -26.69 7.34 21.63
C TYR B 286 -28.10 7.17 21.15
N LYS B 287 -28.85 8.27 21.16
CA LYS B 287 -30.27 8.20 20.77
C LYS B 287 -30.43 7.85 19.30
N PHE B 288 -29.69 8.56 18.45
CA PHE B 288 -29.63 8.24 17.02
C PHE B 288 -29.35 6.73 16.74
N LEU B 289 -28.46 6.13 17.48
CA LEU B 289 -28.11 4.72 17.25
C LEU B 289 -29.06 3.73 17.94
N TRP B 290 -29.96 4.20 18.79
CA TRP B 290 -30.90 3.32 19.47
C TRP B 290 -32.10 3.03 18.58
N THR B 291 -31.88 2.35 17.48
CA THR B 291 -32.95 1.94 16.56
C THR B 291 -32.80 0.42 16.27
ZN ZN C . 10.43 -7.91 -3.60
CAC FLC D . 6.42 -5.40 -1.34
CA FLC D . 6.79 -6.89 -1.09
CB FLC D . 7.88 -7.11 0.02
CBC FLC D . 7.72 -8.53 0.69
CG FLC D . 9.34 -6.98 -0.49
CGC FLC D . 9.45 -6.02 -1.69
OA1 FLC D . 7.28 -4.68 -1.86
OA2 FLC D . 5.29 -5.00 -1.02
OB1 FLC D . 6.60 -8.79 1.19
OB2 FLC D . 8.70 -9.31 0.71
OG1 FLC D . 9.14 -6.49 -2.81
OG2 FLC D . 9.86 -4.84 -1.49
OHB FLC D . 7.70 -6.11 1.04
CAC FLC E . -10.13 15.22 21.86
CA FLC E . -9.31 16.03 20.84
CB FLC E . -7.89 15.45 20.60
CBC FLC E . -7.89 14.47 19.39
CG FLC E . -6.95 16.62 20.31
CGC FLC E . -5.49 16.14 20.22
OA1 FLC E . -10.48 15.77 22.91
OA2 FLC E . -10.41 14.04 21.58
OB1 FLC E . -8.75 13.58 19.37
OB2 FLC E . -7.01 14.60 18.51
OG1 FLC E . -4.86 16.41 19.17
OG2 FLC E . -5.03 15.51 21.20
OHB FLC E . -7.42 14.76 21.77
#